data_5KET
#
_entry.id   5KET
#
_cell.length_a   131.141
_cell.length_b   131.141
_cell.length_c   290.657
_cell.angle_alpha   90.000
_cell.angle_beta   90.000
_cell.angle_gamma   120.000
#
_symmetry.space_group_name_H-M   'H 3 2'
#
loop_
_entity.id
_entity.type
_entity.pdbx_description
1 polymer 'Aldo-keto reductase 1'
2 non-polymer 'NADP NICOTINAMIDE-ADENINE-DINUCLEOTIDE PHOSPHATE'
#
_entity_poly.entity_id   1
_entity_poly.type   'polypeptide(L)'
_entity_poly.pdbx_seq_one_letter_code
;GSHMASMPKQLSSVTFHNGRKMPVVGLGTWQSPPEEVTAAIDVALEVGYRHIDTAFMYQNEAAIGKTLKKWFDSGKLKRE
DVFIVTKLPPIGNRAESVEKFLTKSLEALQLDYVDLYLIHLPVGFQYKGDDNLWPRGEAGEFLIDTSTDLISLWKAMEAQ
VDAGRTRSVGLSNFNSRQIARIVKSARIRPANLQVELNVYFQQRELVAFCRALDITVCAYAPIGSPGLANVIKARGAEVP
ESAKFDPLTDPVVLKIAEHHKKTPAQVLLRHCMQRDIVVIPKSTNAGRIKENFQVFDFELSKAEVDELDSLDKRAAGRRF
RMDQYKGLREHPEHPYDEPY
;
_entity_poly.pdbx_strand_id   A,B
#
# COMPACT_ATOMS: atom_id res chain seq x y z
N SER A 13 16.65 -3.82 -14.09
CA SER A 13 16.78 -4.61 -12.88
C SER A 13 16.23 -3.90 -11.64
N VAL A 14 15.86 -4.71 -10.63
CA VAL A 14 15.38 -4.22 -9.34
C VAL A 14 16.33 -4.77 -8.28
N THR A 15 16.68 -3.95 -7.29
CA THR A 15 17.65 -4.35 -6.27
C THR A 15 16.93 -4.57 -4.93
N PHE A 16 17.08 -5.77 -4.40
CA PHE A 16 16.56 -6.15 -3.08
C PHE A 16 17.21 -5.32 -1.98
N HIS A 17 16.57 -5.38 -0.81
CA HIS A 17 17.09 -4.65 0.34
C HIS A 17 18.49 -5.13 0.73
N ASN A 18 18.76 -6.43 0.60
CA ASN A 18 20.09 -6.94 0.83
C ASN A 18 21.09 -6.54 -0.25
N GLY A 19 20.69 -5.72 -1.23
CA GLY A 19 21.60 -5.21 -2.23
C GLY A 19 21.72 -6.02 -3.50
N ARG A 20 21.05 -7.18 -3.58
CA ARG A 20 21.11 -8.02 -4.77
C ARG A 20 20.08 -7.59 -5.80
N LYS A 21 20.50 -7.60 -7.07
CA LYS A 21 19.68 -7.11 -8.17
C LYS A 21 18.92 -8.27 -8.82
N MET A 22 17.68 -8.00 -9.22
CA MET A 22 16.82 -8.99 -9.82
C MET A 22 16.34 -8.48 -11.17
N PRO A 23 16.51 -9.23 -12.23
CA PRO A 23 16.06 -8.75 -13.55
C PRO A 23 14.56 -8.51 -13.56
N VAL A 24 14.16 -7.40 -14.16
CA VAL A 24 12.76 -7.01 -14.19
C VAL A 24 11.92 -7.84 -15.14
N VAL A 25 12.55 -8.58 -16.05
CA VAL A 25 11.81 -9.51 -16.91
C VAL A 25 12.38 -10.90 -16.71
N GLY A 26 11.50 -11.83 -16.39
CA GLY A 26 11.88 -13.22 -16.28
C GLY A 26 10.88 -14.08 -17.03
N LEU A 27 11.29 -15.30 -17.31
CA LEU A 27 10.44 -16.22 -18.04
C LEU A 27 9.74 -17.14 -17.05
N GLY A 28 8.41 -17.08 -17.04
CA GLY A 28 7.64 -18.00 -16.25
C GLY A 28 7.62 -19.39 -16.85
N THR A 29 7.47 -20.39 -15.97
CA THR A 29 7.48 -21.79 -16.39
C THR A 29 6.23 -22.55 -15.95
N TRP A 30 5.18 -21.84 -15.55
CA TRP A 30 3.91 -22.48 -15.24
C TRP A 30 2.83 -22.01 -16.23
N GLN A 31 2.30 -22.95 -17.00
CA GLN A 31 2.78 -24.32 -16.91
C GLN A 31 3.52 -24.72 -18.16
N SER A 32 4.80 -24.97 -17.98
CA SER A 32 5.67 -25.37 -19.06
C SER A 32 6.08 -26.81 -18.79
N PRO A 33 5.47 -27.78 -19.48
CA PRO A 33 5.89 -29.17 -19.31
C PRO A 33 7.36 -29.30 -19.70
N PRO A 34 8.09 -30.32 -19.13
CA PRO A 34 9.50 -30.44 -19.45
C PRO A 34 9.79 -30.70 -20.92
N GLU A 35 8.90 -31.37 -21.65
CA GLU A 35 9.09 -31.52 -23.09
C GLU A 35 9.23 -30.16 -23.77
N GLU A 36 8.50 -29.15 -23.27
CA GLU A 36 8.52 -27.81 -23.84
C GLU A 36 9.44 -26.83 -23.12
N VAL A 37 9.61 -26.97 -21.80
CA VAL A 37 10.36 -25.97 -21.04
C VAL A 37 11.83 -25.97 -21.39
N THR A 38 12.37 -27.09 -21.88
CA THR A 38 13.79 -27.09 -22.19
C THR A 38 14.08 -26.22 -23.42
N ALA A 39 13.37 -26.46 -24.53
CA ALA A 39 13.57 -25.61 -25.70
C ALA A 39 13.17 -24.16 -25.43
N ALA A 40 12.13 -23.95 -24.61
CA ALA A 40 11.69 -22.59 -24.32
C ALA A 40 12.75 -21.82 -23.55
N ILE A 41 13.52 -22.49 -22.70
CA ILE A 41 14.58 -21.83 -21.94
C ILE A 41 15.79 -21.57 -22.83
N ASP A 42 16.13 -22.55 -23.68
CA ASP A 42 17.12 -22.28 -24.71
C ASP A 42 16.77 -21.02 -25.46
N VAL A 43 15.52 -20.90 -25.92
CA VAL A 43 15.12 -19.69 -26.65
C VAL A 43 15.22 -18.46 -25.75
N ALA A 44 14.77 -18.58 -24.49
CA ALA A 44 14.75 -17.42 -23.60
C ALA A 44 16.16 -16.86 -23.38
N LEU A 45 17.13 -17.74 -23.11
CA LEU A 45 18.49 -17.27 -22.88
C LEU A 45 19.13 -16.74 -24.15
N GLU A 46 18.75 -17.26 -25.32
CA GLU A 46 19.19 -16.63 -26.57
C GLU A 46 18.61 -15.24 -26.70
N VAL A 47 17.32 -15.09 -26.37
CA VAL A 47 16.67 -13.79 -26.40
C VAL A 47 17.45 -12.78 -25.53
N GLY A 48 17.77 -13.17 -24.31
CA GLY A 48 18.34 -12.23 -23.34
C GLY A 48 17.77 -12.38 -21.94
N TYR A 49 16.84 -13.32 -21.77
CA TYR A 49 16.33 -13.60 -20.43
C TYR A 49 17.46 -14.03 -19.50
N ARG A 50 17.56 -13.37 -18.36
CA ARG A 50 18.52 -13.75 -17.32
C ARG A 50 17.82 -13.98 -15.99
N HIS A 51 16.60 -14.49 -16.05
CA HIS A 51 15.76 -14.68 -14.87
C HIS A 51 14.74 -15.75 -15.21
N ILE A 52 14.76 -16.84 -14.47
CA ILE A 52 13.83 -17.94 -14.70
C ILE A 52 13.08 -18.20 -13.40
N ASP A 53 11.76 -18.21 -13.49
CA ASP A 53 10.90 -18.49 -12.35
C ASP A 53 10.36 -19.90 -12.49
N THR A 54 10.65 -20.75 -11.51
CA THR A 54 10.15 -22.11 -11.48
C THR A 54 9.65 -22.41 -10.06
N ALA A 55 9.31 -23.66 -9.83
CA ALA A 55 8.79 -24.08 -8.53
C ALA A 55 8.84 -25.59 -8.47
N PHE A 56 8.89 -26.12 -7.25
CA PHE A 56 8.92 -27.57 -7.11
C PHE A 56 7.58 -28.16 -7.54
N MET A 57 6.50 -27.41 -7.37
CA MET A 57 5.19 -27.91 -7.73
C MET A 57 4.90 -27.83 -9.23
N TYR A 58 5.78 -27.20 -10.03
CA TYR A 58 5.57 -27.16 -11.47
C TYR A 58 6.11 -28.39 -12.18
N GLN A 59 6.96 -29.17 -11.52
CA GLN A 59 7.52 -30.40 -12.09
C GLN A 59 8.23 -30.16 -13.42
N ASN A 60 8.98 -29.07 -13.51
CA ASN A 60 9.82 -28.79 -14.67
C ASN A 60 11.26 -28.43 -14.27
N GLU A 61 11.59 -28.50 -12.98
CA GLU A 61 12.90 -28.07 -12.51
C GLU A 61 14.02 -28.91 -13.11
N ALA A 62 13.82 -30.23 -13.18
CA ALA A 62 14.84 -31.11 -13.75
C ALA A 62 15.15 -30.72 -15.18
N ALA A 63 14.12 -30.39 -15.96
CA ALA A 63 14.34 -30.01 -17.35
C ALA A 63 15.11 -28.70 -17.44
N ILE A 64 14.76 -27.74 -16.59
CA ILE A 64 15.49 -26.47 -16.55
C ILE A 64 16.96 -26.74 -16.25
N GLY A 65 17.23 -27.58 -15.25
CA GLY A 65 18.61 -27.94 -14.95
C GLY A 65 19.35 -28.48 -16.15
N LYS A 66 18.73 -29.38 -16.91
CA LYS A 66 19.37 -29.91 -18.11
C LYS A 66 19.79 -28.78 -19.04
N THR A 67 18.88 -27.87 -19.33
CA THR A 67 19.19 -26.75 -20.22
C THR A 67 20.24 -25.83 -19.61
N LEU A 68 20.09 -25.50 -18.32
CA LEU A 68 21.08 -24.66 -17.65
C LEU A 68 22.46 -25.31 -17.65
N LYS A 69 22.53 -26.61 -17.34
CA LYS A 69 23.83 -27.28 -17.32
C LYS A 69 24.50 -27.21 -18.68
N LYS A 70 23.72 -27.28 -19.77
CA LYS A 70 24.30 -27.15 -21.10
C LYS A 70 24.88 -25.76 -21.31
N TRP A 71 24.10 -24.72 -20.98
CA TRP A 71 24.57 -23.34 -21.17
C TRP A 71 25.72 -22.99 -20.25
N PHE A 72 25.77 -23.59 -19.06
CA PHE A 72 26.86 -23.32 -18.13
C PHE A 72 28.13 -24.05 -18.54
N ASP A 73 28.02 -25.36 -18.77
CA ASP A 73 29.17 -26.13 -19.23
C ASP A 73 29.66 -25.61 -20.58
N SER A 74 28.81 -25.71 -21.61
CA SER A 74 29.26 -25.41 -22.96
C SER A 74 29.27 -23.89 -23.23
N GLY A 75 28.09 -23.32 -23.40
CA GLY A 75 27.95 -21.94 -23.85
C GLY A 75 28.65 -20.88 -23.03
N LYS A 76 28.53 -19.63 -23.48
CA LYS A 76 29.16 -18.50 -22.81
C LYS A 76 28.12 -17.79 -21.94
N LEU A 77 27.68 -18.50 -20.92
CA LEU A 77 26.76 -17.95 -19.92
C LEU A 77 27.23 -18.41 -18.55
N LYS A 78 27.56 -17.45 -17.70
CA LYS A 78 28.01 -17.74 -16.34
C LYS A 78 26.82 -17.87 -15.42
N ARG A 79 27.00 -18.68 -14.38
CA ARG A 79 25.95 -18.86 -13.39
C ARG A 79 25.69 -17.57 -12.61
N GLU A 80 26.73 -16.78 -12.35
CA GLU A 80 26.48 -15.53 -11.68
C GLU A 80 25.73 -14.52 -12.55
N ASP A 81 25.44 -14.87 -13.81
CA ASP A 81 24.74 -13.97 -14.71
C ASP A 81 23.26 -14.29 -14.86
N VAL A 82 22.75 -15.32 -14.17
CA VAL A 82 21.37 -15.75 -14.32
C VAL A 82 20.72 -15.83 -12.94
N PHE A 83 19.43 -15.52 -12.88
CA PHE A 83 18.68 -15.38 -11.64
C PHE A 83 17.64 -16.48 -11.55
N ILE A 84 17.84 -17.44 -10.66
CA ILE A 84 17.02 -18.65 -10.58
C ILE A 84 16.10 -18.55 -9.37
N VAL A 85 14.79 -18.68 -9.61
CA VAL A 85 13.76 -18.57 -8.58
C VAL A 85 12.99 -19.88 -8.55
N THR A 86 12.93 -20.50 -7.37
CA THR A 86 12.04 -21.63 -7.12
C THR A 86 11.40 -21.45 -5.76
N LYS A 87 10.43 -22.32 -5.45
CA LYS A 87 9.53 -22.09 -4.33
C LYS A 87 9.33 -23.37 -3.53
N LEU A 88 8.98 -23.19 -2.27
CA LEU A 88 8.73 -24.29 -1.35
C LEU A 88 7.28 -24.78 -1.48
N PRO A 89 7.06 -26.06 -1.72
CA PRO A 89 5.69 -26.52 -2.01
C PRO A 89 4.81 -26.45 -0.78
N PRO A 90 3.51 -26.15 -0.95
CA PRO A 90 2.58 -26.12 0.19
C PRO A 90 2.67 -27.34 1.09
N ILE A 91 3.17 -28.47 0.57
CA ILE A 91 3.37 -29.65 1.41
C ILE A 91 4.63 -29.56 2.26
N GLY A 92 5.34 -28.44 2.20
CA GLY A 92 6.50 -28.23 3.05
C GLY A 92 6.42 -26.99 3.91
N ASN A 93 5.22 -26.46 4.14
CA ASN A 93 5.05 -25.26 4.99
C ASN A 93 5.14 -25.63 6.46
N ARG A 94 6.27 -26.25 6.79
CA ARG A 94 6.65 -26.55 8.15
C ARG A 94 8.16 -26.36 8.21
N ALA A 95 8.64 -25.74 9.28
CA ALA A 95 10.07 -25.43 9.39
C ALA A 95 10.94 -26.66 9.14
N GLU A 96 10.48 -27.83 9.60
CA GLU A 96 11.29 -29.05 9.54
C GLU A 96 11.51 -29.54 8.11
N SER A 97 10.60 -29.22 7.18
CA SER A 97 10.66 -29.78 5.84
C SER A 97 11.34 -28.85 4.84
N VAL A 98 11.80 -27.69 5.27
CA VAL A 98 12.20 -26.66 4.32
C VAL A 98 13.48 -27.06 3.59
N GLU A 99 14.50 -27.50 4.32
CA GLU A 99 15.75 -27.82 3.63
C GLU A 99 15.63 -29.09 2.81
N LYS A 100 14.78 -30.03 3.23
CA LYS A 100 14.50 -31.21 2.40
C LYS A 100 14.07 -30.80 0.99
N PHE A 101 13.13 -29.86 0.90
CA PHE A 101 12.56 -29.55 -0.40
C PHE A 101 13.49 -28.70 -1.23
N LEU A 102 14.11 -27.68 -0.65
CA LEU A 102 15.06 -26.89 -1.41
C LEU A 102 16.22 -27.76 -1.88
N THR A 103 16.71 -28.66 -1.03
CA THR A 103 17.70 -29.62 -1.51
C THR A 103 17.16 -30.42 -2.68
N LYS A 104 15.90 -30.85 -2.61
CA LYS A 104 15.33 -31.58 -3.74
C LYS A 104 15.20 -30.68 -4.98
N SER A 105 14.79 -29.43 -4.80
CA SER A 105 14.72 -28.50 -5.92
C SER A 105 16.09 -28.33 -6.57
N LEU A 106 17.11 -28.07 -5.75
CA LEU A 106 18.44 -27.78 -6.25
C LEU A 106 18.99 -28.92 -7.10
N GLU A 107 18.85 -30.17 -6.62
CA GLU A 107 19.43 -31.29 -7.36
C GLU A 107 18.71 -31.52 -8.69
N ALA A 108 17.42 -31.16 -8.77
CA ALA A 108 16.74 -31.21 -10.05
C ALA A 108 17.26 -30.12 -10.98
N LEU A 109 17.44 -28.91 -10.44
CA LEU A 109 18.09 -27.83 -11.17
C LEU A 109 19.59 -28.05 -11.35
N GLN A 110 20.17 -29.01 -10.63
CA GLN A 110 21.61 -29.29 -10.68
C GLN A 110 22.44 -28.05 -10.36
N LEU A 111 21.94 -27.23 -9.44
CA LEU A 111 22.67 -26.05 -8.99
C LEU A 111 23.04 -26.19 -7.52
N ASP A 112 24.07 -25.45 -7.12
CA ASP A 112 24.48 -25.38 -5.72
C ASP A 112 23.73 -24.32 -4.93
N TYR A 113 22.99 -23.44 -5.61
CA TYR A 113 22.25 -22.37 -4.95
C TYR A 113 21.22 -21.82 -5.93
N VAL A 114 20.12 -21.31 -5.39
CA VAL A 114 19.17 -20.52 -6.17
C VAL A 114 19.29 -19.07 -5.72
N ASP A 115 18.88 -18.16 -6.60
CA ASP A 115 18.99 -16.77 -6.21
C ASP A 115 17.87 -16.34 -5.28
N LEU A 116 16.71 -16.99 -5.37
CA LEU A 116 15.52 -16.54 -4.64
C LEU A 116 14.63 -17.73 -4.32
N TYR A 117 14.31 -17.91 -3.05
CA TYR A 117 13.48 -19.03 -2.58
C TYR A 117 12.25 -18.46 -1.89
N LEU A 118 11.08 -18.80 -2.41
CA LEU A 118 9.83 -18.26 -1.89
C LEU A 118 9.00 -19.32 -1.17
N ILE A 119 8.29 -18.87 -0.14
CA ILE A 119 7.18 -19.65 0.36
C ILE A 119 6.05 -19.55 -0.65
N HIS A 120 5.81 -20.65 -1.37
CA HIS A 120 4.86 -20.63 -2.47
C HIS A 120 3.49 -20.20 -2.02
N LEU A 121 2.99 -20.77 -0.90
CA LEU A 121 1.65 -20.51 -0.37
C LEU A 121 1.62 -20.39 1.15
N PRO A 122 0.97 -19.35 1.68
CA PRO A 122 0.69 -19.27 3.11
C PRO A 122 -0.03 -20.51 3.64
N VAL A 123 -0.81 -21.19 2.81
CA VAL A 123 -1.64 -22.31 3.23
C VAL A 123 -0.85 -23.58 3.07
N GLY A 124 -0.65 -24.32 4.15
CA GLY A 124 0.10 -25.55 4.11
C GLY A 124 -0.77 -26.76 3.80
N PHE A 125 -0.18 -27.72 3.11
CA PHE A 125 -0.75 -29.05 2.98
C PHE A 125 0.00 -29.96 3.93
N GLN A 126 -0.68 -30.97 4.46
CA GLN A 126 0.03 -31.95 5.26
C GLN A 126 0.90 -32.78 4.35
N TYR A 127 2.14 -32.99 4.76
CA TYR A 127 3.07 -33.76 3.96
C TYR A 127 2.63 -35.22 4.06
N LYS A 128 2.01 -35.74 3.01
CA LYS A 128 1.64 -37.14 2.91
C LYS A 128 2.53 -37.91 1.96
N GLY A 129 3.55 -37.25 1.41
CA GLY A 129 4.47 -37.86 0.49
C GLY A 129 5.36 -36.80 -0.11
N ASP A 130 6.58 -37.18 -0.50
CA ASP A 130 7.51 -36.21 -1.08
C ASP A 130 7.01 -35.75 -2.44
N ASP A 131 6.61 -36.69 -3.29
CA ASP A 131 6.13 -36.39 -4.64
C ASP A 131 4.61 -36.33 -4.70
N ASN A 132 3.97 -35.85 -3.64
CA ASN A 132 2.52 -35.84 -3.50
C ASN A 132 2.06 -34.39 -3.31
N LEU A 133 2.02 -33.65 -4.42
CA LEU A 133 1.77 -32.22 -4.34
C LEU A 133 0.34 -31.90 -3.88
N TRP A 134 -0.61 -32.80 -4.12
CA TRP A 134 -2.00 -32.61 -3.72
C TRP A 134 -2.40 -33.86 -2.95
N PRO A 135 -2.25 -33.84 -1.63
CA PRO A 135 -2.51 -35.05 -0.84
C PRO A 135 -3.98 -35.23 -0.53
N ARG A 136 -4.41 -36.49 -0.54
CA ARG A 136 -5.79 -36.86 -0.23
C ARG A 136 -5.79 -37.89 0.90
N GLY A 137 -6.96 -38.15 1.46
CA GLY A 137 -7.11 -39.02 2.60
C GLY A 137 -7.67 -40.38 2.24
N GLU A 138 -8.12 -41.11 3.28
CA GLU A 138 -8.79 -42.38 3.01
C GLU A 138 -10.04 -42.16 2.17
N ALA A 139 -10.82 -41.12 2.48
CA ALA A 139 -11.80 -40.58 1.56
C ALA A 139 -11.10 -39.59 0.64
N GLY A 140 -11.83 -39.12 -0.38
CA GLY A 140 -11.24 -38.17 -1.31
C GLY A 140 -10.84 -36.85 -0.71
N GLU A 141 -11.05 -36.65 0.60
CA GLU A 141 -10.75 -35.47 1.37
C GLU A 141 -9.41 -34.86 0.98
N PHE A 142 -9.32 -33.53 1.01
CA PHE A 142 -8.09 -32.82 0.66
C PHE A 142 -7.32 -32.50 1.94
N LEU A 143 -6.12 -33.11 2.07
CA LEU A 143 -5.33 -33.01 3.30
C LEU A 143 -4.69 -31.63 3.43
N ILE A 144 -5.23 -30.81 4.31
CA ILE A 144 -4.70 -29.48 4.60
C ILE A 144 -4.07 -29.48 5.98
N ASP A 145 -2.94 -28.78 6.11
CA ASP A 145 -2.29 -28.64 7.41
C ASP A 145 -2.82 -27.35 8.05
N THR A 146 -3.78 -27.53 8.96
CA THR A 146 -4.32 -26.47 9.79
C THR A 146 -3.25 -25.78 10.64
N SER A 147 -2.08 -26.40 10.83
CA SER A 147 -1.11 -25.98 11.83
C SER A 147 0.03 -25.15 11.23
N THR A 148 -0.19 -24.55 10.06
CA THR A 148 0.87 -23.79 9.43
C THR A 148 1.26 -22.61 10.31
N ASP A 149 2.52 -22.61 10.75
CA ASP A 149 3.05 -21.53 11.57
C ASP A 149 4.14 -20.82 10.80
N LEU A 150 3.88 -19.54 10.47
CA LEU A 150 4.74 -18.85 9.49
C LEU A 150 6.02 -18.33 10.12
N ILE A 151 5.93 -17.77 11.33
CA ILE A 151 7.14 -17.33 12.05
C ILE A 151 8.16 -18.45 12.09
N SER A 152 7.71 -19.66 12.43
CA SER A 152 8.59 -20.81 12.52
C SER A 152 9.11 -21.18 11.15
N LEU A 153 8.22 -21.20 10.17
CA LEU A 153 8.59 -21.58 8.81
C LEU A 153 9.60 -20.61 8.23
N TRP A 154 9.38 -19.32 8.44
CA TRP A 154 10.27 -18.30 7.92
C TRP A 154 11.67 -18.41 8.50
N LYS A 155 11.79 -18.77 9.78
CA LYS A 155 13.11 -18.94 10.37
C LYS A 155 13.89 -20.06 9.69
N ALA A 156 13.19 -21.08 9.19
CA ALA A 156 13.83 -22.14 8.42
C ALA A 156 14.29 -21.63 7.06
N MET A 157 13.52 -20.72 6.47
CA MET A 157 13.96 -20.06 5.23
C MET A 157 15.22 -19.24 5.49
N GLU A 158 15.22 -18.45 6.57
CA GLU A 158 16.42 -17.71 6.94
C GLU A 158 17.62 -18.63 7.07
N ALA A 159 17.45 -19.77 7.73
CA ALA A 159 18.56 -20.71 7.88
C ALA A 159 19.03 -21.26 6.54
N GLN A 160 18.24 -21.13 5.49
CA GLN A 160 18.66 -21.61 4.17
C GLN A 160 19.62 -20.64 3.49
N VAL A 161 19.44 -19.33 3.69
CA VAL A 161 20.41 -18.37 3.20
C VAL A 161 21.75 -18.49 3.94
N ASP A 162 21.74 -18.91 5.20
CA ASP A 162 22.98 -19.10 5.95
C ASP A 162 23.74 -20.33 5.50
N ALA A 163 23.04 -21.34 5.00
CA ALA A 163 23.68 -22.50 4.41
C ALA A 163 24.07 -22.24 2.96
N GLY A 164 23.73 -21.06 2.43
CA GLY A 164 24.09 -20.71 1.08
C GLY A 164 23.30 -21.43 0.01
N ARG A 165 22.29 -22.22 0.39
CA ARG A 165 21.45 -22.87 -0.63
C ARG A 165 20.58 -21.88 -1.39
N THR A 166 20.40 -20.67 -0.85
CA THR A 166 19.69 -19.61 -1.57
C THR A 166 20.32 -18.28 -1.19
N ARG A 167 20.37 -17.35 -2.14
CA ARG A 167 20.97 -16.05 -1.83
C ARG A 167 19.95 -15.11 -1.18
N SER A 168 18.67 -15.19 -1.57
CA SER A 168 17.62 -14.41 -0.95
C SER A 168 16.40 -15.29 -0.76
N VAL A 169 15.50 -14.85 0.14
CA VAL A 169 14.26 -15.55 0.39
C VAL A 169 13.11 -14.55 0.43
N GLY A 170 11.94 -15.00 -0.03
CA GLY A 170 10.78 -14.14 -0.10
C GLY A 170 9.45 -14.88 0.04
N LEU A 171 8.35 -14.19 -0.27
CA LEU A 171 7.01 -14.69 -0.04
C LEU A 171 6.20 -14.66 -1.33
N SER A 172 5.19 -15.54 -1.41
CA SER A 172 4.30 -15.56 -2.56
C SER A 172 2.86 -15.77 -2.10
N ASN A 173 1.95 -14.93 -2.61
CA ASN A 173 0.53 -15.01 -2.30
C ASN A 173 0.26 -14.80 -0.81
N PHE A 174 1.04 -13.92 -0.19
CA PHE A 174 0.84 -13.49 1.19
C PHE A 174 0.14 -12.14 1.21
N ASN A 175 -0.58 -11.85 2.29
CA ASN A 175 -1.29 -10.59 2.39
C ASN A 175 -0.47 -9.61 3.24
N SER A 176 -1.07 -8.45 3.58
CA SER A 176 -0.37 -7.43 4.36
C SER A 176 -0.03 -7.94 5.75
N ARG A 177 -1.07 -8.34 6.49
CA ARG A 177 -0.88 -8.76 7.87
C ARG A 177 0.20 -9.83 8.01
N GLN A 178 0.20 -10.83 7.11
CA GLN A 178 1.21 -11.91 7.20
C GLN A 178 2.60 -11.44 6.78
N ILE A 179 2.71 -10.56 5.78
CA ILE A 179 4.00 -9.97 5.49
C ILE A 179 4.48 -9.18 6.70
N ALA A 180 3.61 -8.32 7.23
CA ALA A 180 3.98 -7.50 8.38
C ALA A 180 4.41 -8.36 9.55
N ARG A 181 3.69 -9.46 9.82
CA ARG A 181 4.07 -10.35 10.92
C ARG A 181 5.47 -10.95 10.69
N ILE A 182 5.76 -11.33 9.46
CA ILE A 182 7.04 -11.97 9.18
C ILE A 182 8.18 -10.96 9.28
N VAL A 183 7.99 -9.77 8.70
CA VAL A 183 9.05 -8.76 8.68
C VAL A 183 9.37 -8.30 10.10
N LYS A 184 8.36 -8.12 10.95
CA LYS A 184 8.59 -7.69 12.33
C LYS A 184 9.28 -8.78 13.14
N SER A 185 9.29 -10.02 12.65
CA SER A 185 10.00 -11.08 13.31
C SER A 185 11.28 -11.44 12.60
N ALA A 186 11.47 -10.90 11.41
CA ALA A 186 12.45 -11.42 10.49
C ALA A 186 13.84 -11.10 10.99
N ARG A 187 14.67 -12.13 11.08
CA ARG A 187 16.09 -11.89 11.17
C ARG A 187 16.65 -11.44 9.83
N ILE A 188 16.07 -11.93 8.73
CA ILE A 188 16.40 -11.51 7.37
C ILE A 188 15.08 -11.21 6.66
N ARG A 189 14.87 -9.95 6.30
CA ARG A 189 13.59 -9.53 5.77
C ARG A 189 13.29 -10.18 4.42
N PRO A 190 12.02 -10.40 4.10
CA PRO A 190 11.66 -10.84 2.75
C PRO A 190 12.30 -9.97 1.68
N ALA A 191 12.93 -10.60 0.71
CA ALA A 191 13.52 -9.87 -0.40
C ALA A 191 12.52 -9.56 -1.50
N ASN A 192 11.51 -10.41 -1.67
CA ASN A 192 10.61 -10.29 -2.82
C ASN A 192 9.26 -10.90 -2.46
N LEU A 193 8.20 -10.26 -2.92
CA LEU A 193 6.85 -10.77 -2.83
C LEU A 193 6.36 -11.06 -4.24
N GLN A 194 5.83 -12.25 -4.47
CA GLN A 194 5.34 -12.61 -5.80
C GLN A 194 3.84 -12.88 -5.68
N VAL A 195 3.06 -11.97 -6.24
CA VAL A 195 1.60 -12.05 -6.20
C VAL A 195 1.09 -11.85 -7.62
N GLU A 196 -0.19 -12.20 -7.81
CA GLU A 196 -0.85 -11.90 -9.07
C GLU A 196 -0.98 -10.40 -9.24
N LEU A 197 -0.71 -9.93 -10.47
CA LEU A 197 -0.64 -8.49 -10.76
C LEU A 197 -0.59 -8.26 -12.26
N ASN A 198 -1.48 -7.40 -12.73
CA ASN A 198 -1.52 -6.92 -14.12
C ASN A 198 -2.41 -5.68 -14.14
N VAL A 199 -2.77 -5.20 -15.33
CA VAL A 199 -3.55 -3.97 -15.37
C VAL A 199 -4.98 -4.18 -14.89
N TYR A 200 -5.47 -5.42 -14.88
CA TYR A 200 -6.79 -5.68 -14.31
C TYR A 200 -6.76 -5.91 -12.80
N PHE A 201 -5.56 -6.08 -12.22
CA PHE A 201 -5.31 -6.43 -10.82
C PHE A 201 -3.96 -5.82 -10.44
N GLN A 202 -3.92 -4.48 -10.37
CA GLN A 202 -2.65 -3.78 -10.23
C GLN A 202 -2.05 -3.85 -8.83
N GLN A 203 -2.85 -4.21 -7.81
CA GLN A 203 -2.36 -4.37 -6.45
C GLN A 203 -1.67 -3.10 -5.96
N ARG A 204 -2.26 -1.96 -6.29
CA ARG A 204 -1.72 -0.67 -5.85
C ARG A 204 -1.37 -0.70 -4.37
N GLU A 205 -2.31 -1.16 -3.55
CA GLU A 205 -2.16 -1.08 -2.10
C GLU A 205 -1.05 -2.02 -1.61
N LEU A 206 -0.99 -3.24 -2.15
CA LEU A 206 0.00 -4.16 -1.64
C LEU A 206 1.40 -3.80 -2.12
N VAL A 207 1.54 -3.26 -3.34
CA VAL A 207 2.86 -2.82 -3.80
C VAL A 207 3.38 -1.70 -2.92
N ALA A 208 2.56 -0.66 -2.71
CA ALA A 208 2.98 0.44 -1.86
C ALA A 208 3.26 -0.03 -0.44
N PHE A 209 2.53 -1.03 0.04
CA PHE A 209 2.82 -1.59 1.36
C PHE A 209 4.21 -2.23 1.39
N CYS A 210 4.55 -3.01 0.36
CA CYS A 210 5.84 -3.69 0.31
C CYS A 210 6.97 -2.70 0.04
N ARG A 211 6.72 -1.72 -0.81
CA ARG A 211 7.78 -0.77 -1.12
C ARG A 211 8.15 0.05 0.11
N ALA A 212 7.19 0.27 1.00
CA ALA A 212 7.46 0.91 2.28
C ALA A 212 8.43 0.08 3.13
N LEU A 213 8.41 -1.23 2.97
CA LEU A 213 9.32 -2.10 3.70
C LEU A 213 10.44 -2.62 2.82
N ASP A 214 10.73 -1.90 1.72
CA ASP A 214 11.83 -2.24 0.80
C ASP A 214 11.72 -3.69 0.32
N ILE A 215 10.49 -4.12 0.06
CA ILE A 215 10.18 -5.44 -0.44
C ILE A 215 9.72 -5.30 -1.87
N THR A 216 10.40 -6.00 -2.78
CA THR A 216 10.14 -5.85 -4.20
C THR A 216 9.07 -6.82 -4.66
N VAL A 217 8.19 -6.36 -5.53
CA VAL A 217 7.00 -7.10 -5.96
C VAL A 217 7.28 -7.66 -7.35
N CYS A 218 7.33 -8.99 -7.46
CA CYS A 218 7.35 -9.63 -8.76
C CYS A 218 5.93 -10.00 -9.14
N ALA A 219 5.54 -9.64 -10.37
CA ALA A 219 4.18 -9.82 -10.85
C ALA A 219 4.09 -11.08 -11.69
N TYR A 220 3.30 -12.04 -11.23
CA TYR A 220 2.97 -13.20 -12.05
C TYR A 220 1.59 -12.99 -12.67
N ALA A 221 1.35 -13.71 -13.75
CA ALA A 221 0.21 -13.46 -14.63
C ALA A 221 0.18 -12.01 -15.11
N PRO A 222 1.30 -11.49 -15.61
CA PRO A 222 1.36 -10.05 -15.92
C PRO A 222 0.58 -9.67 -17.17
N ILE A 223 0.31 -10.61 -18.06
CA ILE A 223 -0.50 -10.30 -19.24
C ILE A 223 -1.82 -11.07 -19.14
N GLY A 224 -2.33 -11.21 -17.91
CA GLY A 224 -3.51 -12.02 -17.66
C GLY A 224 -3.15 -13.48 -17.87
N SER A 225 -3.96 -14.43 -17.42
CA SER A 225 -3.55 -15.81 -17.65
C SER A 225 -4.51 -16.45 -18.63
N PRO A 226 -4.24 -16.39 -19.93
CA PRO A 226 -5.21 -16.92 -20.91
C PRO A 226 -5.34 -18.42 -20.84
N GLY A 227 -4.24 -19.14 -20.60
CA GLY A 227 -4.34 -20.57 -20.46
C GLY A 227 -5.09 -21.03 -19.23
N LEU A 228 -5.29 -20.14 -18.26
CA LEU A 228 -5.69 -20.54 -16.91
C LEU A 228 -7.10 -21.11 -16.89
N ALA A 229 -8.04 -20.46 -17.59
CA ALA A 229 -9.39 -20.96 -17.65
C ALA A 229 -9.41 -22.44 -18.00
N ASN A 230 -8.73 -22.81 -19.09
CA ASN A 230 -8.66 -24.22 -19.46
C ASN A 230 -7.99 -25.05 -18.37
N VAL A 231 -7.07 -24.45 -17.61
CA VAL A 231 -6.37 -25.20 -16.56
C VAL A 231 -7.25 -25.38 -15.34
N ILE A 232 -8.01 -24.33 -14.96
CA ILE A 232 -8.93 -24.47 -13.82
C ILE A 232 -9.99 -25.51 -14.11
N LYS A 233 -10.51 -25.53 -15.34
CA LYS A 233 -11.47 -26.57 -15.70
C LYS A 233 -10.83 -27.94 -15.80
N ALA A 234 -9.53 -28.01 -16.09
CA ALA A 234 -8.85 -29.30 -16.16
C ALA A 234 -8.74 -29.91 -14.76
N ARG A 235 -8.28 -29.13 -13.79
CA ARG A 235 -8.48 -29.46 -12.40
C ARG A 235 -9.97 -29.40 -12.07
N GLY A 236 -10.33 -29.93 -10.90
CA GLY A 236 -11.74 -30.02 -10.56
C GLY A 236 -12.35 -28.73 -10.08
N ALA A 237 -12.17 -27.64 -10.81
CA ALA A 237 -12.49 -26.33 -10.25
C ALA A 237 -13.42 -25.55 -11.16
N GLU A 238 -13.84 -24.39 -10.67
CA GLU A 238 -14.79 -23.53 -11.35
C GLU A 238 -14.08 -22.29 -11.85
N VAL A 239 -14.33 -21.92 -13.09
CA VAL A 239 -13.64 -20.79 -13.70
C VAL A 239 -14.28 -19.50 -13.18
N PRO A 240 -13.50 -18.66 -12.50
CA PRO A 240 -14.05 -17.39 -11.97
C PRO A 240 -14.46 -16.47 -13.12
N GLU A 241 -15.31 -15.51 -12.79
CA GLU A 241 -15.71 -14.56 -13.81
C GLU A 241 -14.61 -13.57 -14.14
N SER A 242 -13.69 -13.29 -13.21
CA SER A 242 -12.55 -12.45 -13.53
C SER A 242 -11.62 -13.10 -14.54
N ALA A 243 -11.68 -14.42 -14.68
CA ALA A 243 -10.90 -15.11 -15.70
C ALA A 243 -11.49 -14.95 -17.10
N LYS A 244 -12.67 -14.35 -17.20
CA LYS A 244 -13.31 -14.04 -18.47
C LYS A 244 -13.00 -12.64 -18.96
N PHE A 245 -11.83 -12.10 -18.61
CA PHE A 245 -11.43 -10.74 -18.98
C PHE A 245 -10.03 -10.76 -19.55
N ASP A 246 -9.88 -10.40 -20.82
CA ASP A 246 -8.57 -10.49 -21.44
C ASP A 246 -7.96 -9.11 -21.59
N PRO A 247 -6.95 -8.76 -20.78
CA PRO A 247 -6.32 -7.42 -20.90
C PRO A 247 -5.54 -7.22 -22.19
N LEU A 248 -5.32 -8.27 -22.99
CA LEU A 248 -4.77 -8.07 -24.31
C LEU A 248 -5.84 -7.76 -25.35
N THR A 249 -7.11 -8.01 -25.05
CA THR A 249 -8.19 -7.61 -25.94
C THR A 249 -8.77 -6.26 -25.59
N ASP A 250 -8.39 -5.69 -24.46
CA ASP A 250 -8.98 -4.43 -24.01
C ASP A 250 -8.65 -3.32 -25.02
N PRO A 251 -9.65 -2.53 -25.43
CA PRO A 251 -9.38 -1.48 -26.43
C PRO A 251 -8.41 -0.43 -25.93
N VAL A 252 -8.44 -0.12 -24.64
CA VAL A 252 -7.48 0.84 -24.09
C VAL A 252 -6.06 0.38 -24.38
N VAL A 253 -5.74 -0.88 -24.08
CA VAL A 253 -4.37 -1.32 -24.27
C VAL A 253 -4.02 -1.42 -25.74
N LEU A 254 -4.98 -1.77 -26.60
CA LEU A 254 -4.70 -1.79 -28.03
C LEU A 254 -4.48 -0.40 -28.58
N LYS A 255 -5.29 0.56 -28.13
CA LYS A 255 -5.07 1.95 -28.52
C LYS A 255 -3.66 2.41 -28.16
N ILE A 256 -3.23 2.13 -26.92
CA ILE A 256 -1.88 2.53 -26.51
C ILE A 256 -0.83 1.73 -27.28
N ALA A 257 -1.14 0.48 -27.66
CA ALA A 257 -0.19 -0.31 -28.43
C ALA A 257 0.10 0.30 -29.79
N GLU A 258 -0.93 0.77 -30.49
CA GLU A 258 -0.68 1.40 -31.78
C GLU A 258 0.12 2.68 -31.66
N HIS A 259 -0.06 3.42 -30.56
CA HIS A 259 0.70 4.66 -30.36
C HIS A 259 2.19 4.40 -30.32
N HIS A 260 2.59 3.28 -29.72
CA HIS A 260 4.00 2.95 -29.56
C HIS A 260 4.49 1.95 -30.60
N LYS A 261 3.60 1.47 -31.47
CA LYS A 261 3.94 0.47 -32.49
C LYS A 261 4.51 -0.80 -31.83
N LYS A 262 3.89 -1.16 -30.71
CA LYS A 262 4.22 -2.32 -29.89
C LYS A 262 3.00 -3.22 -29.76
N THR A 263 3.20 -4.44 -29.14
CA THR A 263 2.07 -5.34 -28.99
C THR A 263 1.45 -5.23 -27.61
N PRO A 264 0.15 -5.52 -27.53
CA PRO A 264 -0.59 -5.46 -26.26
C PRO A 264 0.15 -6.10 -25.09
N ALA A 265 0.72 -7.29 -25.31
CA ALA A 265 1.45 -7.96 -24.25
C ALA A 265 2.56 -7.08 -23.71
N GLN A 266 3.32 -6.45 -24.60
CA GLN A 266 4.41 -5.60 -24.13
C GLN A 266 3.90 -4.32 -23.47
N VAL A 267 2.75 -3.80 -23.91
CA VAL A 267 2.17 -2.69 -23.20
C VAL A 267 1.85 -3.10 -21.77
N LEU A 268 1.19 -4.25 -21.61
CA LEU A 268 0.81 -4.71 -20.28
C LEU A 268 2.02 -4.96 -19.39
N LEU A 269 3.08 -5.54 -19.94
CA LEU A 269 4.27 -5.76 -19.13
C LEU A 269 4.92 -4.44 -18.76
N ARG A 270 5.02 -3.53 -19.72
CA ARG A 270 5.65 -2.24 -19.47
C ARG A 270 4.99 -1.51 -18.31
N HIS A 271 3.64 -1.48 -18.28
CA HIS A 271 2.94 -0.79 -17.22
C HIS A 271 3.36 -1.28 -15.85
N CYS A 272 3.53 -2.59 -15.70
CA CYS A 272 4.05 -3.13 -14.45
C CYS A 272 5.48 -2.68 -14.22
N MET A 273 6.34 -2.82 -15.23
CA MET A 273 7.77 -2.59 -15.02
C MET A 273 8.06 -1.16 -14.61
N GLN A 274 7.35 -0.20 -15.18
CA GLN A 274 7.67 1.17 -14.81
C GLN A 274 7.19 1.52 -13.40
N ARG A 275 6.53 0.60 -12.70
CA ARG A 275 6.28 0.75 -11.27
C ARG A 275 7.36 0.07 -10.45
N ASP A 276 8.53 -0.16 -11.05
CA ASP A 276 9.63 -0.92 -10.45
C ASP A 276 9.17 -2.31 -10.01
N ILE A 277 8.34 -2.93 -10.84
CA ILE A 277 7.76 -4.24 -10.56
C ILE A 277 8.36 -5.27 -11.52
N VAL A 278 8.97 -6.31 -10.97
CA VAL A 278 9.44 -7.42 -11.77
C VAL A 278 8.25 -8.13 -12.40
N VAL A 279 8.41 -8.63 -13.63
CA VAL A 279 7.36 -9.40 -14.28
C VAL A 279 7.95 -10.65 -14.91
N ILE A 280 7.20 -11.75 -14.79
CA ILE A 280 7.63 -13.04 -15.34
C ILE A 280 6.58 -13.59 -16.28
N PRO A 281 6.42 -13.02 -17.46
CA PRO A 281 5.58 -13.65 -18.48
C PRO A 281 6.03 -15.09 -18.74
N LYS A 282 5.05 -15.98 -18.86
CA LYS A 282 5.31 -17.38 -19.17
C LYS A 282 4.97 -17.65 -20.63
N SER A 283 5.91 -18.26 -21.36
CA SER A 283 5.62 -18.64 -22.74
C SER A 283 6.44 -19.85 -23.14
N THR A 284 5.76 -20.80 -23.80
CA THR A 284 6.41 -21.87 -24.54
C THR A 284 6.83 -21.40 -25.92
N ASN A 285 6.08 -20.47 -26.50
CA ASN A 285 6.23 -20.12 -27.91
C ASN A 285 7.50 -19.29 -28.14
N ALA A 286 8.33 -19.74 -29.08
CA ALA A 286 9.63 -19.10 -29.28
C ALA A 286 9.50 -17.67 -29.78
N GLY A 287 8.42 -17.34 -30.48
CA GLY A 287 8.20 -15.97 -30.91
C GLY A 287 7.68 -15.10 -29.79
N ARG A 288 6.69 -15.62 -29.05
CA ARG A 288 6.12 -14.86 -27.93
C ARG A 288 7.14 -14.67 -26.80
N ILE A 289 8.00 -15.65 -26.59
CA ILE A 289 9.12 -15.45 -25.66
C ILE A 289 9.92 -14.22 -26.08
N LYS A 290 10.35 -14.16 -27.35
CA LYS A 290 11.08 -13.00 -27.82
C LYS A 290 10.22 -11.74 -27.71
N GLU A 291 8.92 -11.86 -27.98
CA GLU A 291 8.06 -10.69 -27.97
C GLU A 291 8.04 -10.02 -26.61
N ASN A 292 7.92 -10.81 -25.54
CA ASN A 292 7.80 -10.22 -24.21
C ASN A 292 9.10 -9.63 -23.69
N PHE A 293 10.24 -9.95 -24.30
CA PHE A 293 11.48 -9.35 -23.83
C PHE A 293 11.74 -7.99 -24.48
N GLN A 294 11.32 -7.80 -25.72
CA GLN A 294 11.52 -6.53 -26.42
C GLN A 294 10.60 -5.49 -25.79
N VAL A 295 10.97 -5.03 -24.60
CA VAL A 295 10.11 -4.17 -23.80
C VAL A 295 10.95 -3.19 -22.99
N PHE A 296 12.27 -3.28 -23.11
CA PHE A 296 13.17 -2.28 -22.52
C PHE A 296 13.36 -1.07 -23.44
N ASP A 297 12.66 -1.00 -24.56
CA ASP A 297 12.96 0.03 -25.55
C ASP A 297 12.04 1.26 -25.48
N PHE A 298 10.78 1.12 -25.04
CA PHE A 298 9.81 2.20 -25.07
C PHE A 298 9.36 2.59 -23.68
N GLU A 299 9.08 3.89 -23.50
CA GLU A 299 8.56 4.42 -22.24
C GLU A 299 7.14 4.90 -22.44
N LEU A 300 6.28 4.63 -21.44
CA LEU A 300 4.86 4.97 -21.51
C LEU A 300 4.64 6.36 -20.94
N SER A 301 3.78 7.13 -21.60
CA SER A 301 3.58 8.52 -21.17
C SER A 301 2.94 8.53 -19.78
N LYS A 302 3.03 9.68 -19.11
CA LYS A 302 2.30 9.84 -17.86
C LYS A 302 0.79 9.75 -18.10
N ALA A 303 0.32 9.99 -19.32
CA ALA A 303 -1.11 9.96 -19.63
C ALA A 303 -1.63 8.57 -19.98
N GLU A 304 -0.89 7.81 -20.80
CA GLU A 304 -1.27 6.41 -21.05
C GLU A 304 -1.19 5.56 -19.79
N VAL A 305 -0.32 5.90 -18.84
CA VAL A 305 -0.30 5.20 -17.55
C VAL A 305 -1.64 5.33 -16.86
N ASP A 306 -2.27 6.51 -16.93
CA ASP A 306 -3.51 6.68 -16.18
C ASP A 306 -4.72 6.09 -16.89
N GLU A 307 -4.68 5.95 -18.21
CA GLU A 307 -5.69 5.11 -18.85
C GLU A 307 -5.49 3.66 -18.44
N LEU A 308 -4.24 3.20 -18.37
CA LEU A 308 -4.00 1.85 -17.88
C LEU A 308 -4.35 1.71 -16.41
N ASP A 309 -4.15 2.78 -15.63
CA ASP A 309 -4.57 2.74 -14.24
C ASP A 309 -6.09 2.62 -14.13
N SER A 310 -6.84 3.23 -15.06
CA SER A 310 -8.29 3.13 -15.01
C SER A 310 -8.77 1.70 -15.22
N LEU A 311 -7.98 0.90 -15.91
CA LEU A 311 -8.41 -0.46 -16.23
C LEU A 311 -8.47 -1.36 -15.01
N ASP A 312 -7.82 -0.95 -13.91
CA ASP A 312 -7.70 -1.81 -12.73
C ASP A 312 -9.06 -2.16 -12.14
N LYS A 313 -9.27 -3.45 -11.89
CA LYS A 313 -10.50 -3.95 -11.29
C LYS A 313 -10.35 -4.23 -9.80
N ARG A 314 -9.17 -3.97 -9.23
CA ARG A 314 -8.85 -4.29 -7.83
C ARG A 314 -9.38 -5.65 -7.41
N ALA A 315 -9.94 -5.74 -6.20
CA ALA A 315 -10.45 -7.02 -5.71
C ALA A 315 -11.39 -7.64 -6.73
N ALA A 316 -11.09 -8.88 -7.09
CA ALA A 316 -11.90 -9.67 -8.01
C ALA A 316 -12.20 -9.00 -9.36
N GLY A 317 -11.19 -8.76 -10.20
CA GLY A 317 -9.79 -8.93 -9.86
C GLY A 317 -9.11 -10.27 -10.02
N ARG A 318 -9.10 -11.05 -8.94
CA ARG A 318 -8.29 -12.26 -8.90
C ARG A 318 -8.87 -13.34 -9.80
N ARG A 319 -8.01 -13.91 -10.65
CA ARG A 319 -8.29 -15.20 -11.25
C ARG A 319 -7.61 -16.32 -10.49
N PHE A 320 -6.45 -16.05 -9.91
CA PHE A 320 -5.76 -17.02 -9.07
C PHE A 320 -6.28 -16.90 -7.64
N ARG A 321 -7.56 -17.24 -7.50
CA ARG A 321 -8.17 -17.28 -6.18
C ARG A 321 -7.75 -18.54 -5.46
N MET A 322 -8.09 -18.59 -4.18
CA MET A 322 -7.76 -19.72 -3.31
C MET A 322 -9.04 -20.09 -2.56
N ASP A 323 -10.02 -20.61 -3.30
CA ASP A 323 -11.30 -20.97 -2.71
C ASP A 323 -11.83 -22.28 -3.26
N GLN A 324 -10.95 -23.15 -3.76
CA GLN A 324 -11.41 -24.40 -4.38
C GLN A 324 -12.13 -25.30 -3.38
N TYR A 325 -11.61 -25.42 -2.16
CA TYR A 325 -12.17 -26.31 -1.15
C TYR A 325 -12.50 -25.53 0.11
N LYS A 326 -13.45 -26.08 0.88
CA LYS A 326 -13.82 -25.47 2.14
C LYS A 326 -12.63 -25.28 3.06
N GLY A 327 -11.90 -26.36 3.34
CA GLY A 327 -10.81 -26.29 4.30
C GLY A 327 -9.71 -25.35 3.88
N LEU A 328 -9.60 -25.09 2.58
CA LEU A 328 -8.56 -24.14 2.18
C LEU A 328 -8.97 -22.71 2.46
N ARG A 329 -10.22 -22.34 2.16
CA ARG A 329 -10.67 -21.00 2.53
C ARG A 329 -10.66 -20.83 4.05
N GLU A 330 -11.01 -21.87 4.78
CA GLU A 330 -11.11 -21.78 6.23
C GLU A 330 -9.75 -21.95 6.92
N HIS A 331 -8.66 -22.07 6.17
CA HIS A 331 -7.37 -22.23 6.82
C HIS A 331 -6.97 -20.89 7.47
N PRO A 332 -6.40 -20.94 8.68
CA PRO A 332 -6.11 -19.70 9.43
C PRO A 332 -5.27 -18.67 8.69
N GLU A 333 -4.48 -19.10 7.72
CA GLU A 333 -3.60 -18.23 6.96
C GLU A 333 -4.06 -18.13 5.51
N HIS A 334 -5.33 -17.88 5.32
CA HIS A 334 -5.83 -17.60 3.98
C HIS A 334 -5.64 -16.13 3.65
N PRO A 335 -4.99 -15.80 2.54
CA PRO A 335 -4.54 -14.42 2.34
C PRO A 335 -5.57 -13.47 1.75
N TYR A 336 -6.63 -13.96 1.11
CA TYR A 336 -7.49 -13.11 0.30
C TYR A 336 -8.79 -12.74 0.97
N ASP A 337 -8.94 -13.00 2.27
CA ASP A 337 -10.05 -12.40 3.00
C ASP A 337 -9.75 -10.94 3.32
N GLU A 338 -8.50 -10.64 3.67
CA GLU A 338 -8.09 -9.27 3.92
C GLU A 338 -8.19 -8.44 2.63
N PRO A 339 -8.43 -7.13 2.76
CA PRO A 339 -8.45 -6.25 1.58
C PRO A 339 -7.21 -6.38 0.70
N TYR A 340 -6.04 -6.48 1.32
CA TYR A 340 -4.79 -6.71 0.61
C TYR A 340 -3.76 -7.15 1.65
N LYS B 9 -18.78 -4.17 19.09
CA LYS B 9 -18.19 -2.89 19.53
C LYS B 9 -18.01 -1.89 18.39
N GLN B 10 -17.96 -0.61 18.74
CA GLN B 10 -17.93 0.47 17.77
C GLN B 10 -16.51 0.94 17.48
N LEU B 11 -16.34 1.60 16.34
CA LEU B 11 -15.11 2.33 16.07
C LEU B 11 -14.99 3.46 17.08
N SER B 12 -13.79 3.64 17.61
CA SER B 12 -13.58 4.69 18.60
C SER B 12 -12.35 5.49 18.26
N SER B 13 -11.19 4.83 18.21
CA SER B 13 -9.93 5.51 17.98
C SER B 13 -9.01 4.57 17.23
N VAL B 14 -7.99 5.15 16.58
CA VAL B 14 -6.86 4.37 16.07
C VAL B 14 -5.70 4.54 17.05
N THR B 15 -4.94 3.47 17.22
CA THR B 15 -3.79 3.46 18.11
C THR B 15 -2.54 3.74 17.30
N PHE B 16 -1.75 4.73 17.74
CA PHE B 16 -0.48 5.06 17.12
C PHE B 16 0.53 3.93 17.34
N HIS B 17 1.71 4.09 16.74
CA HIS B 17 2.79 3.16 17.04
C HIS B 17 3.32 3.35 18.45
N ASN B 18 3.28 4.58 18.97
CA ASN B 18 3.75 4.86 20.31
C ASN B 18 2.76 4.42 21.38
N GLY B 19 1.56 4.00 21.00
CA GLY B 19 0.58 3.47 21.93
C GLY B 19 -0.63 4.38 22.12
N ARG B 20 -0.44 5.69 21.98
CA ARG B 20 -1.55 6.61 22.20
C ARG B 20 -2.59 6.50 21.10
N LYS B 21 -3.83 6.75 21.48
CA LYS B 21 -4.98 6.49 20.62
C LYS B 21 -5.60 7.81 20.17
N MET B 22 -5.76 7.93 18.86
CA MET B 22 -6.35 9.11 18.25
C MET B 22 -7.80 8.82 17.89
N PRO B 23 -8.78 9.54 18.44
CA PRO B 23 -10.17 9.40 18.00
C PRO B 23 -10.29 9.42 16.48
N VAL B 24 -11.13 8.54 15.94
CA VAL B 24 -11.23 8.47 14.47
C VAL B 24 -12.08 9.58 13.88
N VAL B 25 -12.90 10.26 14.69
CA VAL B 25 -13.66 11.42 14.23
C VAL B 25 -13.25 12.63 15.04
N GLY B 26 -12.70 13.64 14.37
CA GLY B 26 -12.40 14.92 14.96
C GLY B 26 -13.14 16.03 14.23
N LEU B 27 -13.02 17.25 14.76
CA LEU B 27 -13.69 18.41 14.19
C LEU B 27 -12.69 19.29 13.45
N GLY B 28 -13.04 19.66 12.23
CA GLY B 28 -12.19 20.56 11.49
C GLY B 28 -12.35 22.00 11.93
N THR B 29 -11.30 22.80 11.67
CA THR B 29 -11.33 24.23 11.97
C THR B 29 -10.87 25.12 10.81
N TRP B 30 -10.45 24.56 9.68
CA TRP B 30 -10.19 25.35 8.49
C TRP B 30 -11.43 25.33 7.57
N GLN B 31 -12.02 26.48 7.33
CA GLN B 31 -11.60 27.73 7.93
C GLN B 31 -12.69 28.22 8.87
N SER B 32 -12.58 27.84 10.15
CA SER B 32 -13.57 28.23 11.14
C SER B 32 -13.11 29.51 11.82
N PRO B 33 -13.78 30.65 11.62
CA PRO B 33 -13.31 31.91 12.19
C PRO B 33 -13.50 31.96 13.69
N PRO B 34 -12.73 32.79 14.40
CA PRO B 34 -12.79 32.81 15.88
C PRO B 34 -14.19 33.00 16.45
N GLU B 35 -15.05 33.80 15.80
CA GLU B 35 -16.39 34.00 16.35
C GLU B 35 -17.22 32.72 16.22
N GLU B 36 -17.05 31.98 15.12
CA GLU B 36 -17.84 30.80 14.87
C GLU B 36 -17.27 29.55 15.52
N VAL B 37 -15.95 29.48 15.68
CA VAL B 37 -15.33 28.26 16.18
C VAL B 37 -15.58 28.09 17.68
N THR B 38 -15.76 29.18 18.42
CA THR B 38 -16.11 29.02 19.83
C THR B 38 -17.45 28.31 19.99
N ALA B 39 -18.45 28.67 19.16
CA ALA B 39 -19.74 27.99 19.23
C ALA B 39 -19.63 26.56 18.71
N ALA B 40 -18.86 26.35 17.65
CA ALA B 40 -18.74 25.01 17.07
C ALA B 40 -18.17 24.02 18.06
N ILE B 41 -17.16 24.42 18.82
CA ILE B 41 -16.56 23.53 19.81
C ILE B 41 -17.57 23.20 20.90
N ASP B 42 -18.27 24.22 21.41
CA ASP B 42 -19.32 23.98 22.40
C ASP B 42 -20.31 22.93 21.91
N VAL B 43 -20.68 22.99 20.62
CA VAL B 43 -21.58 21.99 20.08
C VAL B 43 -20.85 20.68 19.85
N ALA B 44 -19.59 20.74 19.46
CA ALA B 44 -18.83 19.53 19.14
C ALA B 44 -18.62 18.67 20.38
N LEU B 45 -18.13 19.26 21.46
CA LEU B 45 -17.93 18.47 22.66
C LEU B 45 -19.25 18.00 23.26
N GLU B 46 -20.34 18.72 23.01
CA GLU B 46 -21.64 18.27 23.50
C GLU B 46 -22.09 17.00 22.80
N VAL B 47 -21.82 16.91 21.48
CA VAL B 47 -22.22 15.72 20.74
C VAL B 47 -21.30 14.55 21.09
N GLY B 48 -20.03 14.82 21.39
CA GLY B 48 -19.15 13.76 21.82
C GLY B 48 -17.75 13.82 21.23
N TYR B 49 -17.50 14.78 20.34
CA TYR B 49 -16.16 14.95 19.78
C TYR B 49 -15.12 15.05 20.89
N ARG B 50 -14.10 14.20 20.83
CA ARG B 50 -12.95 14.29 21.71
C ARG B 50 -11.69 14.61 20.93
N HIS B 51 -11.82 15.01 19.67
CA HIS B 51 -10.68 15.29 18.81
C HIS B 51 -10.96 16.58 18.06
N ILE B 52 -10.02 17.53 18.17
CA ILE B 52 -10.13 18.83 17.53
C ILE B 52 -8.85 19.06 16.73
N ASP B 53 -9.00 19.42 15.47
CA ASP B 53 -7.87 19.69 14.60
C ASP B 53 -7.76 21.19 14.38
N THR B 54 -6.54 21.70 14.45
CA THR B 54 -6.28 23.13 14.30
C THR B 54 -4.87 23.30 13.79
N ALA B 55 -4.51 24.55 13.47
CA ALA B 55 -3.15 24.88 13.10
C ALA B 55 -2.90 26.35 13.43
N PHE B 56 -1.62 26.70 13.55
CA PHE B 56 -1.26 28.10 13.82
C PHE B 56 -1.78 29.02 12.72
N MET B 57 -1.90 28.50 11.50
CA MET B 57 -2.30 29.32 10.35
C MET B 57 -3.80 29.39 10.18
N TYR B 58 -4.58 28.84 11.11
CA TYR B 58 -6.00 29.04 11.08
C TYR B 58 -6.44 30.22 11.92
N GLN B 59 -5.59 30.65 12.86
CA GLN B 59 -5.85 31.85 13.65
C GLN B 59 -7.17 31.75 14.40
N ASN B 60 -7.41 30.57 14.98
CA ASN B 60 -8.53 30.36 15.88
C ASN B 60 -8.12 29.59 17.14
N GLU B 61 -6.83 29.35 17.32
CA GLU B 61 -6.38 28.56 18.47
C GLU B 61 -6.73 29.24 19.78
N ALA B 62 -6.63 30.57 19.82
CA ALA B 62 -6.98 31.30 21.04
C ALA B 62 -8.45 31.11 21.37
N ALA B 63 -9.32 31.27 20.37
CA ALA B 63 -10.75 31.07 20.58
C ALA B 63 -11.05 29.64 20.99
N ILE B 64 -10.39 28.68 20.34
CA ILE B 64 -10.46 27.28 20.77
C ILE B 64 -9.97 27.15 22.21
N GLY B 65 -8.87 27.81 22.55
CA GLY B 65 -8.40 27.80 23.92
C GLY B 65 -9.47 28.28 24.89
N LYS B 66 -10.19 29.35 24.54
CA LYS B 66 -11.25 29.84 25.42
C LYS B 66 -12.34 28.80 25.62
N THR B 67 -12.72 28.10 24.55
CA THR B 67 -13.80 27.13 24.66
C THR B 67 -13.37 25.91 25.47
N LEU B 68 -12.20 25.33 25.14
CA LEU B 68 -11.74 24.17 25.90
C LEU B 68 -11.52 24.51 27.36
N LYS B 69 -11.00 25.70 27.62
CA LYS B 69 -10.78 26.18 28.97
C LYS B 69 -12.06 26.20 29.78
N LYS B 70 -13.15 26.71 29.19
CA LYS B 70 -14.43 26.76 29.90
C LYS B 70 -14.93 25.36 30.23
N TRP B 71 -14.71 24.41 29.34
CA TRP B 71 -15.09 23.03 29.59
C TRP B 71 -14.16 22.37 30.62
N PHE B 72 -12.88 22.72 30.61
CA PHE B 72 -11.93 22.13 31.56
C PHE B 72 -12.23 22.58 32.99
N ASP B 73 -12.53 23.87 33.20
CA ASP B 73 -12.84 24.35 34.55
C ASP B 73 -14.08 23.69 35.10
N SER B 74 -15.15 23.68 34.32
CA SER B 74 -16.28 22.84 34.65
C SER B 74 -15.81 21.40 34.72
N GLY B 75 -16.54 20.58 35.46
CA GLY B 75 -16.15 19.19 35.51
C GLY B 75 -16.54 18.39 34.29
N LYS B 76 -17.04 19.04 33.24
CA LYS B 76 -17.65 18.33 32.14
C LYS B 76 -16.63 17.65 31.23
N LEU B 77 -15.35 18.06 31.29
CA LEU B 77 -14.33 17.55 30.39
C LEU B 77 -13.01 17.43 31.13
N LYS B 78 -12.27 16.36 30.86
CA LYS B 78 -10.91 16.20 31.33
C LYS B 78 -9.93 16.34 30.17
N ARG B 79 -8.80 16.97 30.46
CA ARG B 79 -7.79 17.26 29.45
C ARG B 79 -7.34 15.99 28.73
N GLU B 80 -7.04 14.94 29.51
CA GLU B 80 -6.56 13.69 28.93
C GLU B 80 -7.65 12.92 28.20
N ASP B 81 -8.88 13.46 28.12
CA ASP B 81 -9.96 12.81 27.39
C ASP B 81 -10.20 13.41 26.02
N VAL B 82 -9.59 14.54 25.70
CA VAL B 82 -9.77 15.19 24.41
C VAL B 82 -8.41 15.27 23.71
N PHE B 83 -8.46 15.14 22.37
CA PHE B 83 -7.28 15.00 21.52
C PHE B 83 -7.10 16.28 20.70
N ILE B 84 -6.08 17.07 21.02
CA ILE B 84 -5.88 18.38 20.39
C ILE B 84 -4.70 18.32 19.44
N VAL B 85 -4.94 18.71 18.18
CA VAL B 85 -3.95 18.68 17.11
C VAL B 85 -3.76 20.08 16.56
N THR B 86 -2.54 20.59 16.67
CA THR B 86 -2.16 21.80 15.97
C THR B 86 -0.94 21.49 15.08
N LYS B 87 -0.60 22.44 14.22
CA LYS B 87 0.39 22.19 13.18
C LYS B 87 1.45 23.29 13.15
N LEU B 88 2.63 22.92 12.67
CA LEU B 88 3.75 23.85 12.60
C LEU B 88 3.68 24.65 11.31
N PRO B 89 3.64 25.97 11.37
CA PRO B 89 3.40 26.76 10.16
C PRO B 89 4.52 26.58 9.15
N PRO B 90 4.21 26.68 7.85
CA PRO B 90 5.27 26.71 6.85
C PRO B 90 6.30 27.79 7.09
N ILE B 91 5.90 28.94 7.65
CA ILE B 91 6.84 30.02 7.89
C ILE B 91 7.78 29.73 9.03
N GLY B 92 7.56 28.63 9.75
CA GLY B 92 8.49 28.17 10.77
C GLY B 92 9.09 26.83 10.41
N ASN B 93 9.23 26.56 9.11
CA ASN B 93 9.77 25.29 8.66
C ASN B 93 11.29 25.26 8.80
N ARG B 94 11.77 25.55 10.01
CA ARG B 94 13.20 25.45 10.32
C ARG B 94 13.32 25.12 11.79
N ALA B 95 14.28 24.24 12.11
CA ALA B 95 14.41 23.71 13.46
C ALA B 95 14.44 24.81 14.51
N GLU B 96 15.12 25.92 14.21
CA GLU B 96 15.27 27.00 15.18
C GLU B 96 13.93 27.65 15.55
N SER B 97 12.90 27.47 14.74
CA SER B 97 11.63 28.16 14.95
C SER B 97 10.56 27.27 15.57
N VAL B 98 10.80 25.97 15.72
CA VAL B 98 9.66 25.12 16.05
C VAL B 98 9.31 25.21 17.53
N GLU B 99 10.30 25.26 18.43
CA GLU B 99 9.96 25.52 19.82
C GLU B 99 9.18 26.83 19.93
N LYS B 100 9.50 27.80 19.06
CA LYS B 100 8.83 29.09 19.10
C LYS B 100 7.34 28.96 18.76
N PHE B 101 7.02 28.30 17.66
CA PHE B 101 5.63 28.30 17.21
C PHE B 101 4.75 27.36 18.01
N LEU B 102 5.29 26.21 18.45
CA LEU B 102 4.52 25.32 19.30
C LEU B 102 4.18 25.99 20.62
N THR B 103 5.11 26.77 21.18
CA THR B 103 4.80 27.56 22.37
C THR B 103 3.69 28.55 22.09
N LYS B 104 3.80 29.30 20.98
CA LYS B 104 2.74 30.22 20.61
C LYS B 104 1.40 29.49 20.50
N SER B 105 1.39 28.32 19.85
CA SER B 105 0.16 27.54 19.76
C SER B 105 -0.35 27.11 21.13
N LEU B 106 0.57 26.73 22.02
CA LEU B 106 0.13 26.29 23.36
C LEU B 106 -0.32 27.47 24.21
N GLU B 107 0.39 28.60 24.12
CA GLU B 107 -0.08 29.81 24.80
C GLU B 107 -1.46 30.22 24.28
N ALA B 108 -1.74 29.96 23.01
CA ALA B 108 -3.06 30.28 22.46
C ALA B 108 -4.11 29.30 22.93
N LEU B 109 -3.84 28.00 22.80
CA LEU B 109 -4.77 26.99 23.28
C LEU B 109 -4.85 26.95 24.79
N GLN B 110 -3.99 27.68 25.50
CA GLN B 110 -3.91 27.64 26.96
C GLN B 110 -3.76 26.20 27.46
N LEU B 111 -2.90 25.45 26.80
CA LEU B 111 -2.58 24.08 27.17
C LEU B 111 -1.08 23.98 27.45
N ASP B 112 -0.72 22.97 28.24
CA ASP B 112 0.70 22.71 28.44
C ASP B 112 1.25 21.73 27.41
N TYR B 113 0.40 21.06 26.65
CA TYR B 113 0.86 20.16 25.61
C TYR B 113 -0.25 19.94 24.60
N VAL B 114 0.16 19.58 23.40
CA VAL B 114 -0.74 19.11 22.36
C VAL B 114 -0.61 17.61 22.24
N ASP B 115 -1.72 16.93 21.95
CA ASP B 115 -1.65 15.50 21.76
C ASP B 115 -0.89 15.14 20.48
N LEU B 116 -0.83 16.05 19.52
CA LEU B 116 -0.21 15.75 18.24
C LEU B 116 0.23 17.07 17.60
N TYR B 117 1.49 17.13 17.18
CA TYR B 117 2.04 18.29 16.49
C TYR B 117 2.53 17.84 15.12
N LEU B 118 2.10 18.55 14.07
CA LEU B 118 2.42 18.17 12.71
C LEU B 118 3.23 19.27 12.02
N ILE B 119 4.08 18.86 11.08
CA ILE B 119 4.65 19.80 10.11
C ILE B 119 3.56 20.04 9.06
N HIS B 120 2.91 21.20 9.14
CA HIS B 120 1.78 21.51 8.26
C HIS B 120 2.15 21.35 6.80
N LEU B 121 3.42 21.54 6.45
CA LEU B 121 3.73 21.53 5.03
C LEU B 121 5.22 21.32 4.82
N PRO B 122 5.61 20.48 3.85
CA PRO B 122 7.03 20.31 3.51
C PRO B 122 7.68 21.56 2.96
N VAL B 123 6.93 22.35 2.22
CA VAL B 123 7.45 23.55 1.57
C VAL B 123 7.33 24.71 2.55
N GLY B 124 8.46 25.27 2.94
CA GLY B 124 8.49 26.32 3.93
C GLY B 124 8.57 27.72 3.33
N PHE B 125 8.04 28.68 4.07
CA PHE B 125 8.08 30.08 3.67
C PHE B 125 9.12 30.84 4.47
N GLN B 126 9.36 32.08 4.05
CA GLN B 126 10.31 32.94 4.73
C GLN B 126 9.64 33.60 5.93
N TYR B 127 10.28 33.50 7.11
CA TYR B 127 9.69 34.18 8.25
C TYR B 127 9.92 35.67 8.11
N LYS B 128 9.01 36.37 7.45
CA LYS B 128 9.05 37.81 7.40
C LYS B 128 8.29 38.46 8.53
N GLY B 129 7.46 37.69 9.24
CA GLY B 129 6.69 38.21 10.36
C GLY B 129 5.96 37.09 11.04
N ASP B 130 5.54 37.37 12.28
CA ASP B 130 4.87 36.35 13.09
C ASP B 130 3.43 36.15 12.64
N ASP B 131 2.72 37.24 12.33
CA ASP B 131 1.35 37.17 11.83
C ASP B 131 1.28 37.15 10.31
N ASN B 132 2.43 37.26 9.63
CA ASN B 132 2.51 37.32 8.17
C ASN B 132 2.62 35.91 7.59
N LEU B 133 1.51 35.17 7.69
CA LEU B 133 1.53 33.76 7.32
C LEU B 133 1.77 33.57 5.83
N TRP B 134 1.24 34.46 5.01
CA TRP B 134 1.39 34.38 3.55
C TRP B 134 2.15 35.60 3.07
N PRO B 135 3.48 35.50 2.85
CA PRO B 135 4.37 36.58 2.40
C PRO B 135 4.62 36.60 0.88
N LEU B 143 6.51 33.87 -1.37
CA LEU B 143 7.83 34.12 -0.79
C LEU B 143 8.39 32.86 -0.12
N ILE B 144 9.14 32.06 -0.89
CA ILE B 144 9.49 30.69 -0.52
C ILE B 144 10.92 30.60 0.00
N ASP B 145 11.11 29.79 1.04
CA ASP B 145 12.43 29.45 1.58
C ASP B 145 12.82 28.08 1.03
N THR B 146 13.65 28.09 -0.02
CA THR B 146 14.16 26.87 -0.64
C THR B 146 15.14 26.09 0.25
N SER B 147 15.64 26.69 1.32
CA SER B 147 16.65 26.05 2.16
C SER B 147 16.02 25.12 3.18
N THR B 148 14.85 24.57 2.85
CA THR B 148 14.11 23.76 3.79
C THR B 148 14.77 22.39 3.94
N ASP B 149 15.23 22.10 5.15
CA ASP B 149 15.93 20.86 5.47
C ASP B 149 15.05 20.06 6.42
N LEU B 150 14.32 19.09 5.88
CA LEU B 150 13.35 18.39 6.71
C LEU B 150 14.02 17.57 7.81
N ILE B 151 15.18 16.97 7.51
CA ILE B 151 15.83 16.07 8.46
C ILE B 151 16.12 16.80 9.77
N SER B 152 16.82 17.93 9.69
CA SER B 152 17.09 18.75 10.86
C SER B 152 15.82 19.33 11.48
N LEU B 153 14.75 19.46 10.70
CA LEU B 153 13.54 20.08 11.20
C LEU B 153 12.70 19.09 11.98
N TRP B 154 12.61 17.85 11.52
CA TRP B 154 11.90 16.85 12.29
C TRP B 154 12.59 16.57 13.62
N LYS B 155 13.93 16.70 13.64
CA LYS B 155 14.65 16.57 14.90
C LYS B 155 14.13 17.56 15.92
N ALA B 156 13.81 18.77 15.48
CA ALA B 156 13.29 19.77 16.40
C ALA B 156 11.86 19.48 16.82
N MET B 157 11.09 18.75 16.02
CA MET B 157 9.78 18.26 16.48
C MET B 157 9.94 17.18 17.53
N GLU B 158 10.84 16.21 17.27
CA GLU B 158 11.15 15.19 18.25
C GLU B 158 11.53 15.82 19.58
N ALA B 159 12.26 16.94 19.53
CA ALA B 159 12.71 17.57 20.77
C ALA B 159 11.53 18.06 21.61
N GLN B 160 10.42 18.44 20.97
CA GLN B 160 9.27 18.84 21.76
C GLN B 160 8.49 17.65 22.31
N VAL B 161 8.62 16.48 21.70
CA VAL B 161 8.18 15.28 22.38
C VAL B 161 9.00 15.05 23.64
N ASP B 162 10.33 15.23 23.54
CA ASP B 162 11.20 15.12 24.71
C ASP B 162 10.95 16.23 25.72
N ALA B 163 10.41 17.37 25.27
CA ALA B 163 10.12 18.49 26.16
C ALA B 163 8.81 18.29 26.91
N GLY B 164 7.88 17.53 26.36
CA GLY B 164 6.57 17.37 26.94
C GLY B 164 5.52 18.33 26.42
N ARG B 165 5.84 19.16 25.43
CA ARG B 165 4.85 20.05 24.83
C ARG B 165 4.03 19.38 23.73
N THR B 166 4.41 18.17 23.32
CA THR B 166 3.58 17.36 22.45
C THR B 166 3.91 15.91 22.72
N ARG B 167 2.89 15.07 22.64
CA ARG B 167 3.10 13.65 22.92
C ARG B 167 3.37 12.85 21.67
N SER B 168 2.81 13.28 20.56
CA SER B 168 3.02 12.64 19.29
C SER B 168 3.41 13.72 18.31
N VAL B 169 4.22 13.36 17.33
CA VAL B 169 4.52 14.26 16.23
C VAL B 169 4.23 13.53 14.93
N GLY B 170 3.83 14.29 13.91
CA GLY B 170 3.46 13.71 12.64
C GLY B 170 3.71 14.65 11.47
N LEU B 171 3.18 14.28 10.31
CA LEU B 171 3.43 15.00 9.08
C LEU B 171 2.11 15.36 8.42
N SER B 172 2.15 16.37 7.55
CA SER B 172 0.97 16.75 6.78
C SER B 172 1.39 17.18 5.39
N ASN B 173 0.75 16.60 4.38
CA ASN B 173 1.02 16.89 2.97
C ASN B 173 2.44 16.50 2.58
N PHE B 174 2.92 15.36 3.08
CA PHE B 174 4.18 14.78 2.64
C PHE B 174 3.90 13.56 1.76
N ASN B 175 4.91 13.14 0.99
CA ASN B 175 4.74 11.99 0.10
C ASN B 175 5.59 10.81 0.57
N SER B 176 5.52 9.71 -0.17
CA SER B 176 6.24 8.49 0.18
C SER B 176 7.72 8.77 0.42
N ARG B 177 8.37 9.41 -0.56
CA ARG B 177 9.81 9.66 -0.47
C ARG B 177 10.16 10.45 0.79
N GLN B 178 9.50 11.58 0.99
CA GLN B 178 9.78 12.40 2.16
C GLN B 178 9.51 11.64 3.44
N ILE B 179 8.41 10.88 3.49
CA ILE B 179 8.11 10.09 4.69
C ILE B 179 9.17 9.04 4.92
N ALA B 180 9.47 8.25 3.89
CA ALA B 180 10.51 7.24 4.00
C ALA B 180 11.82 7.85 4.48
N ARG B 181 12.17 9.03 3.97
CA ARG B 181 13.39 9.69 4.40
C ARG B 181 13.33 10.07 5.87
N ILE B 182 12.21 10.65 6.30
CA ILE B 182 12.08 11.03 7.71
C ILE B 182 12.07 9.80 8.60
N VAL B 183 11.29 8.78 8.21
CA VAL B 183 11.19 7.55 8.99
C VAL B 183 12.56 6.89 9.14
N LYS B 184 13.39 6.96 8.09
CA LYS B 184 14.73 6.37 8.16
C LYS B 184 15.66 7.16 9.06
N SER B 185 15.41 8.46 9.23
CA SER B 185 16.26 9.33 10.03
C SER B 185 15.79 9.47 11.47
N ALA B 186 14.55 9.10 11.75
CA ALA B 186 13.88 9.54 12.97
C ALA B 186 14.25 8.68 14.17
N ARG B 187 14.50 9.35 15.30
CA ARG B 187 14.46 8.68 16.60
C ARG B 187 13.03 8.44 17.05
N ILE B 188 12.12 9.35 16.73
CA ILE B 188 10.71 9.23 17.04
C ILE B 188 9.95 9.14 15.72
N ARG B 189 9.26 8.03 15.50
CA ARG B 189 8.58 7.82 14.23
C ARG B 189 7.33 8.69 14.16
N PRO B 190 7.09 9.36 13.04
CA PRO B 190 5.84 10.13 12.88
C PRO B 190 4.63 9.26 13.17
N ALA B 191 3.77 9.72 14.06
CA ALA B 191 2.61 8.92 14.44
C ALA B 191 1.45 9.09 13.49
N ASN B 192 1.34 10.26 12.84
CA ASN B 192 0.21 10.62 11.99
C ASN B 192 0.69 11.20 10.68
N LEU B 193 -0.08 10.95 9.63
CA LEU B 193 0.06 11.65 8.35
C LEU B 193 -1.29 12.20 7.96
N GLN B 194 -1.39 13.53 7.88
CA GLN B 194 -2.66 14.17 7.56
C GLN B 194 -2.57 14.73 6.14
N VAL B 195 -3.35 14.12 5.24
CA VAL B 195 -3.35 14.42 3.83
C VAL B 195 -4.81 14.54 3.39
N GLU B 196 -5.03 15.23 2.28
CA GLU B 196 -6.37 15.33 1.74
C GLU B 196 -6.82 13.95 1.26
N LEU B 197 -8.03 13.56 1.64
CA LEU B 197 -8.53 12.24 1.28
C LEU B 197 -10.04 12.18 1.46
N ASN B 198 -10.73 11.71 0.42
CA ASN B 198 -12.16 11.43 0.44
C ASN B 198 -12.44 10.41 -0.65
N VAL B 199 -13.71 10.10 -0.89
CA VAL B 199 -14.04 9.04 -1.84
C VAL B 199 -13.58 9.39 -3.26
N TYR B 200 -13.35 10.67 -3.56
CA TYR B 200 -12.80 11.04 -4.85
C TYR B 200 -11.28 11.06 -4.86
N PHE B 201 -10.64 10.78 -3.72
CA PHE B 201 -9.20 10.90 -3.61
C PHE B 201 -8.71 10.06 -2.44
N GLN B 202 -8.90 8.75 -2.54
CA GLN B 202 -8.78 7.84 -1.41
C GLN B 202 -7.34 7.52 -1.01
N GLN B 203 -6.35 8.02 -1.76
CA GLN B 203 -4.95 7.92 -1.34
C GLN B 203 -4.55 6.48 -1.05
N ARG B 204 -5.12 5.54 -1.80
CA ARG B 204 -4.98 4.13 -1.44
C ARG B 204 -3.53 3.72 -1.32
N GLU B 205 -2.69 4.18 -2.24
CA GLU B 205 -1.27 3.80 -2.20
C GLU B 205 -0.56 4.43 -1.01
N LEU B 206 -0.72 5.74 -0.80
CA LEU B 206 -0.01 6.39 0.28
C LEU B 206 -0.48 5.91 1.65
N VAL B 207 -1.76 5.54 1.78
CA VAL B 207 -2.22 5.01 3.05
C VAL B 207 -1.60 3.64 3.32
N ALA B 208 -1.59 2.76 2.31
CA ALA B 208 -0.98 1.46 2.48
C ALA B 208 0.51 1.58 2.78
N PHE B 209 1.17 2.57 2.17
CA PHE B 209 2.58 2.83 2.45
C PHE B 209 2.78 3.16 3.93
N CYS B 210 2.02 4.13 4.44
CA CYS B 210 2.12 4.50 5.85
C CYS B 210 1.73 3.34 6.76
N ARG B 211 0.73 2.57 6.35
CA ARG B 211 0.29 1.45 7.19
C ARG B 211 1.43 0.48 7.45
N ALA B 212 2.29 0.26 6.45
CA ALA B 212 3.42 -0.65 6.61
C ALA B 212 4.46 -0.12 7.58
N LEU B 213 4.49 1.18 7.79
CA LEU B 213 5.40 1.80 8.73
C LEU B 213 4.71 2.13 10.06
N ASP B 214 3.52 1.56 10.27
CA ASP B 214 2.65 1.86 11.41
C ASP B 214 2.52 3.37 11.62
N ILE B 215 2.18 4.06 10.53
CA ILE B 215 1.82 5.46 10.57
C ILE B 215 0.34 5.58 10.24
N THR B 216 -0.39 6.29 11.09
CA THR B 216 -1.82 6.46 10.90
C THR B 216 -2.10 7.68 10.04
N VAL B 217 -3.13 7.58 9.20
CA VAL B 217 -3.51 8.63 8.28
C VAL B 217 -4.76 9.34 8.81
N CYS B 218 -4.74 10.66 8.83
CA CYS B 218 -5.92 11.47 9.12
C CYS B 218 -6.36 12.17 7.85
N ALA B 219 -7.57 11.88 7.41
CA ALA B 219 -8.09 12.43 6.17
C ALA B 219 -8.65 13.82 6.42
N TYR B 220 -8.08 14.81 5.75
CA TYR B 220 -8.71 16.12 5.74
C TYR B 220 -9.44 16.31 4.43
N ALA B 221 -10.35 17.28 4.41
CA ALA B 221 -11.38 17.38 3.39
C ALA B 221 -12.14 16.05 3.22
N PRO B 222 -12.54 15.43 4.34
CA PRO B 222 -13.04 14.04 4.24
C PRO B 222 -14.35 13.89 3.50
N ILE B 223 -15.14 14.96 3.35
CA ILE B 223 -16.37 14.83 2.58
C ILE B 223 -16.24 15.68 1.32
N GLY B 224 -15.02 15.86 0.84
CA GLY B 224 -14.71 16.87 -0.16
C GLY B 224 -14.94 18.22 0.49
N SER B 225 -14.30 19.28 0.03
CA SER B 225 -14.52 20.54 0.75
C SER B 225 -15.40 21.46 -0.08
N PRO B 226 -16.71 21.48 0.16
CA PRO B 226 -17.55 22.47 -0.53
C PRO B 226 -17.20 23.90 -0.18
N GLY B 227 -16.37 24.12 0.85
CA GLY B 227 -15.73 25.41 1.06
C GLY B 227 -15.06 25.90 -0.20
N LEU B 228 -14.36 24.97 -0.88
CA LEU B 228 -13.86 25.20 -2.22
C LEU B 228 -14.97 25.02 -3.27
N ALA B 229 -15.04 25.92 -4.24
CA ALA B 229 -14.04 26.96 -4.42
C ALA B 229 -14.54 28.34 -4.02
N ASN B 230 -15.37 28.39 -2.98
CA ASN B 230 -15.75 29.69 -2.42
C ASN B 230 -14.61 30.36 -1.68
N VAL B 231 -13.49 29.68 -1.49
CA VAL B 231 -12.30 30.30 -0.88
C VAL B 231 -11.40 30.92 -1.95
N VAL B 239 -9.68 28.26 -9.95
CA VAL B 239 -10.45 27.11 -9.46
C VAL B 239 -10.38 25.93 -10.43
N PRO B 240 -9.83 24.82 -9.96
CA PRO B 240 -9.61 23.67 -10.84
C PRO B 240 -10.87 22.85 -11.07
N GLU B 241 -10.89 22.13 -12.20
CA GLU B 241 -11.98 21.21 -12.45
C GLU B 241 -11.99 20.07 -11.44
N SER B 242 -10.87 19.84 -10.78
CA SER B 242 -10.79 18.87 -9.69
C SER B 242 -11.72 19.24 -8.53
N ALA B 243 -12.05 20.52 -8.39
CA ALA B 243 -12.95 21.01 -7.36
C ALA B 243 -14.40 21.07 -7.82
N LYS B 244 -14.64 20.94 -9.12
CA LYS B 244 -15.99 20.94 -9.68
C LYS B 244 -16.73 19.63 -9.44
N PHE B 245 -16.09 18.66 -8.80
CA PHE B 245 -16.70 17.38 -8.48
C PHE B 245 -17.14 17.37 -7.02
N ASP B 246 -18.41 17.03 -6.80
CA ASP B 246 -18.98 17.00 -5.45
C ASP B 246 -19.36 15.59 -5.07
N PRO B 247 -18.67 14.98 -4.11
CA PRO B 247 -19.02 13.60 -3.71
C PRO B 247 -20.38 13.50 -3.04
N LEU B 248 -20.85 14.56 -2.41
CA LEU B 248 -22.20 14.57 -1.84
C LEU B 248 -23.26 14.53 -2.94
N THR B 249 -22.91 15.05 -4.13
CA THR B 249 -23.75 15.06 -5.32
C THR B 249 -23.72 13.72 -6.06
N ASP B 250 -22.78 12.83 -5.73
CA ASP B 250 -22.60 11.62 -6.52
C ASP B 250 -23.80 10.69 -6.39
N PRO B 251 -24.37 10.24 -7.51
CA PRO B 251 -25.52 9.32 -7.42
C PRO B 251 -25.22 8.04 -6.66
N VAL B 252 -23.96 7.57 -6.68
CA VAL B 252 -23.61 6.39 -5.91
C VAL B 252 -23.73 6.68 -4.42
N VAL B 253 -23.19 7.81 -3.98
CA VAL B 253 -23.24 8.16 -2.56
C VAL B 253 -24.68 8.42 -2.12
N LEU B 254 -25.46 9.14 -2.93
CA LEU B 254 -26.85 9.40 -2.60
C LEU B 254 -27.61 8.09 -2.39
N LYS B 255 -27.41 7.13 -3.30
CA LYS B 255 -28.14 5.86 -3.23
C LYS B 255 -27.80 5.10 -1.96
N ILE B 256 -26.52 5.05 -1.60
CA ILE B 256 -26.11 4.37 -0.37
C ILE B 256 -26.65 5.11 0.84
N ALA B 257 -26.58 6.43 0.82
CA ALA B 257 -27.13 7.23 1.92
C ALA B 257 -28.61 6.96 2.15
N GLU B 258 -29.40 6.84 1.07
CA GLU B 258 -30.80 6.56 1.29
C GLU B 258 -31.02 5.12 1.76
N HIS B 259 -30.11 4.19 1.46
CA HIS B 259 -30.28 2.83 1.94
C HIS B 259 -30.17 2.75 3.46
N HIS B 260 -29.10 3.31 4.01
CA HIS B 260 -28.83 3.34 5.44
C HIS B 260 -29.60 4.43 6.16
N LYS B 261 -30.50 5.13 5.47
CA LYS B 261 -31.26 6.24 6.03
C LYS B 261 -30.33 7.22 6.74
N LYS B 262 -29.34 7.69 6.01
CA LYS B 262 -28.34 8.60 6.55
C LYS B 262 -27.88 9.55 5.47
N THR B 263 -27.04 10.51 5.85
CA THR B 263 -26.71 11.55 4.89
C THR B 263 -25.53 11.15 4.03
N PRO B 264 -25.37 11.78 2.88
CA PRO B 264 -24.16 11.52 2.07
C PRO B 264 -22.89 11.76 2.86
N ALA B 265 -22.84 12.87 3.61
CA ALA B 265 -21.62 13.20 4.35
C ALA B 265 -21.25 12.08 5.32
N GLN B 266 -22.23 11.53 6.03
CA GLN B 266 -21.93 10.41 6.90
C GLN B 266 -21.46 9.20 6.10
N VAL B 267 -22.06 8.94 4.94
CA VAL B 267 -21.55 7.88 4.09
C VAL B 267 -20.09 8.14 3.73
N LEU B 268 -19.76 9.38 3.38
CA LEU B 268 -18.39 9.69 2.99
C LEU B 268 -17.44 9.55 4.16
N LEU B 269 -17.85 9.99 5.35
CA LEU B 269 -16.98 9.90 6.51
C LEU B 269 -16.74 8.45 6.89
N ARG B 270 -17.80 7.67 6.86
CA ARG B 270 -17.72 6.26 7.21
C ARG B 270 -16.76 5.50 6.31
N HIS B 271 -16.79 5.79 5.00
CA HIS B 271 -15.94 5.07 4.07
C HIS B 271 -14.47 5.18 4.46
N CYS B 272 -14.04 6.37 4.86
CA CYS B 272 -12.68 6.52 5.37
C CYS B 272 -12.49 5.75 6.66
N MET B 273 -13.50 5.77 7.52
CA MET B 273 -13.36 5.20 8.85
C MET B 273 -13.16 3.70 8.80
N GLN B 274 -13.83 3.03 7.88
CA GLN B 274 -13.63 1.58 7.82
C GLN B 274 -12.34 1.18 7.13
N ARG B 275 -11.52 2.14 6.71
CA ARG B 275 -10.14 1.89 6.34
C ARG B 275 -9.19 2.18 7.50
N ASP B 276 -9.74 2.38 8.71
CA ASP B 276 -8.99 2.86 9.88
C ASP B 276 -8.29 4.18 9.58
N ILE B 277 -9.06 5.14 9.10
CA ILE B 277 -8.57 6.45 8.74
C ILE B 277 -9.33 7.48 9.58
N VAL B 278 -8.58 8.24 10.38
CA VAL B 278 -9.17 9.36 11.11
C VAL B 278 -9.70 10.39 10.14
N VAL B 279 -10.89 10.92 10.42
CA VAL B 279 -11.50 11.98 9.63
C VAL B 279 -11.67 13.22 10.51
N ILE B 280 -11.53 14.39 9.91
CA ILE B 280 -11.72 15.65 10.61
C ILE B 280 -12.65 16.57 9.83
N PRO B 281 -13.93 16.22 9.68
CA PRO B 281 -14.84 17.09 8.93
C PRO B 281 -15.00 18.44 9.62
N LYS B 282 -15.01 19.50 8.80
CA LYS B 282 -15.09 20.86 9.31
C LYS B 282 -16.52 21.37 9.22
N SER B 283 -16.95 22.09 10.25
CA SER B 283 -18.30 22.65 10.24
C SER B 283 -18.41 23.63 11.39
N THR B 284 -19.11 24.73 11.16
CA THR B 284 -19.52 25.62 12.23
C THR B 284 -21.01 25.55 12.50
N ASN B 285 -21.76 24.82 11.67
CA ASN B 285 -23.21 24.68 11.82
C ASN B 285 -23.51 23.62 12.88
N ALA B 286 -24.38 23.96 13.82
CA ALA B 286 -24.63 23.06 14.94
C ALA B 286 -25.23 21.74 14.47
N GLY B 287 -26.03 21.77 13.40
CA GLY B 287 -26.71 20.56 12.96
C GLY B 287 -25.77 19.60 12.25
N ARG B 288 -24.87 20.11 11.44
CA ARG B 288 -23.98 19.24 10.68
C ARG B 288 -22.74 18.83 11.48
N ILE B 289 -22.35 19.58 12.49
CA ILE B 289 -21.38 19.06 13.46
C ILE B 289 -21.97 17.82 14.14
N LYS B 290 -23.22 17.93 14.60
CA LYS B 290 -23.93 16.77 15.10
C LYS B 290 -24.01 15.69 14.02
N GLU B 291 -24.53 16.07 12.84
CA GLU B 291 -24.68 15.14 11.72
C GLU B 291 -23.41 14.34 11.45
N ASN B 292 -22.25 15.01 11.48
CA ASN B 292 -20.98 14.35 11.15
C ASN B 292 -20.57 13.32 12.19
N PHE B 293 -21.16 13.34 13.38
CA PHE B 293 -20.77 12.44 14.46
C PHE B 293 -21.68 11.24 14.60
N GLN B 294 -22.85 11.24 13.96
CA GLN B 294 -23.71 10.06 13.96
C GLN B 294 -23.26 9.10 12.88
N VAL B 295 -22.02 8.66 13.06
CA VAL B 295 -21.27 7.94 12.06
C VAL B 295 -20.83 6.57 12.53
N PHE B 296 -20.94 6.30 13.83
CA PHE B 296 -20.63 5.00 14.41
C PHE B 296 -21.83 4.06 14.46
N ASP B 297 -23.04 4.52 14.11
CA ASP B 297 -24.22 3.67 14.31
C ASP B 297 -24.53 2.72 13.14
N PHE B 298 -23.89 2.90 11.97
CA PHE B 298 -24.16 2.09 10.77
C PHE B 298 -22.85 1.60 10.16
N GLU B 299 -22.94 0.69 9.20
CA GLU B 299 -21.76 0.22 8.51
C GLU B 299 -22.10 -0.12 7.07
N LEU B 300 -21.14 0.13 6.18
CA LEU B 300 -21.34 -0.07 4.75
C LEU B 300 -20.95 -1.49 4.37
N SER B 301 -21.84 -2.16 3.65
CA SER B 301 -21.61 -3.52 3.22
C SER B 301 -20.38 -3.63 2.33
N LYS B 302 -19.88 -4.87 2.19
CA LYS B 302 -18.75 -5.10 1.30
C LYS B 302 -19.07 -4.67 -0.13
N ALA B 303 -20.33 -4.83 -0.54
CA ALA B 303 -20.72 -4.41 -1.88
C ALA B 303 -20.79 -2.89 -2.01
N GLU B 304 -21.08 -2.19 -0.92
CA GLU B 304 -21.20 -0.74 -0.98
C GLU B 304 -19.84 -0.04 -0.98
N VAL B 305 -18.83 -0.61 -0.32
CA VAL B 305 -17.53 0.05 -0.35
C VAL B 305 -16.90 -0.12 -1.72
N ASP B 306 -17.20 -1.23 -2.42
CA ASP B 306 -16.68 -1.40 -3.77
C ASP B 306 -17.23 -0.33 -4.70
N GLU B 307 -18.55 -0.06 -4.62
CA GLU B 307 -19.11 1.03 -5.39
C GLU B 307 -18.45 2.35 -5.03
N LEU B 308 -18.10 2.54 -3.76
CA LEU B 308 -17.41 3.75 -3.34
C LEU B 308 -15.94 3.75 -3.75
N ASP B 309 -15.28 2.58 -3.67
CA ASP B 309 -13.89 2.50 -4.09
C ASP B 309 -13.73 2.84 -5.57
N SER B 310 -14.70 2.47 -6.40
CA SER B 310 -14.64 2.81 -7.82
C SER B 310 -14.78 4.30 -8.07
N LEU B 311 -15.41 5.04 -7.15
CA LEU B 311 -15.58 6.48 -7.33
C LEU B 311 -14.26 7.23 -7.29
N ASP B 312 -13.18 6.57 -6.86
CA ASP B 312 -11.91 7.25 -6.72
C ASP B 312 -11.40 7.69 -8.09
N LYS B 313 -11.07 8.98 -8.19
CA LYS B 313 -10.47 9.61 -9.36
C LYS B 313 -8.94 9.47 -9.38
N ARG B 314 -8.36 8.87 -8.35
CA ARG B 314 -6.91 8.64 -8.17
C ARG B 314 -6.22 10.01 -8.16
N ALA B 315 -5.06 10.13 -8.80
CA ALA B 315 -4.21 11.31 -8.62
C ALA B 315 -4.84 12.60 -9.12
N ALA B 316 -5.90 12.54 -9.92
CA ALA B 316 -6.45 13.76 -10.47
C ALA B 316 -7.98 13.90 -10.38
N GLY B 317 -8.56 13.97 -9.18
CA GLY B 317 -7.84 13.78 -7.93
C GLY B 317 -7.95 14.88 -6.88
N ARG B 318 -6.82 15.51 -6.59
CA ARG B 318 -6.69 16.44 -5.47
C ARG B 318 -7.50 17.70 -5.72
N ARG B 319 -8.06 18.26 -4.64
CA ARG B 319 -8.52 19.64 -4.71
C ARG B 319 -7.46 20.63 -4.25
N PHE B 320 -6.41 20.17 -3.59
CA PHE B 320 -5.44 21.06 -2.94
C PHE B 320 -4.10 20.92 -3.67
N ARG B 321 -3.83 21.83 -4.61
CA ARG B 321 -2.63 21.82 -5.44
C ARG B 321 -1.80 23.07 -5.20
N MET B 322 -0.69 23.18 -5.92
CA MET B 322 0.20 24.34 -5.79
C MET B 322 0.70 24.82 -7.16
N GLY B 327 7.27 28.66 -8.39
CA GLY B 327 7.36 29.12 -6.99
C GLY B 327 7.23 27.93 -6.07
N LEU B 328 5.97 27.65 -5.69
CA LEU B 328 5.69 26.53 -4.80
C LEU B 328 6.00 25.19 -5.47
N ARG B 329 5.65 25.04 -6.74
CA ARG B 329 5.91 23.80 -7.46
C ARG B 329 7.41 23.56 -7.65
N GLU B 330 8.20 24.63 -7.66
CA GLU B 330 9.65 24.54 -7.89
C GLU B 330 10.45 24.34 -6.60
N HIS B 331 9.83 24.45 -5.44
CA HIS B 331 10.54 24.24 -4.18
C HIS B 331 11.07 22.80 -4.15
N PRO B 332 12.28 22.58 -3.63
CA PRO B 332 12.88 21.23 -3.70
C PRO B 332 12.05 20.16 -3.05
N GLU B 333 11.18 20.51 -2.11
CA GLU B 333 10.39 19.53 -1.38
C GLU B 333 8.91 19.70 -1.73
N HIS B 334 8.62 19.87 -3.03
CA HIS B 334 7.23 19.91 -3.47
C HIS B 334 6.61 18.50 -3.43
N PRO B 335 5.50 18.30 -2.71
CA PRO B 335 5.10 16.96 -2.33
C PRO B 335 4.32 16.22 -3.42
N TYR B 336 3.59 16.93 -4.27
CA TYR B 336 2.62 16.32 -5.18
C TYR B 336 3.20 16.06 -6.57
N ASP B 337 4.52 16.12 -6.72
CA ASP B 337 5.14 15.65 -7.95
C ASP B 337 5.07 14.13 -8.03
N GLU B 338 5.64 13.45 -7.04
CA GLU B 338 5.64 12.00 -7.02
C GLU B 338 4.21 11.46 -7.05
N PRO B 339 3.98 10.32 -7.70
CA PRO B 339 2.62 9.77 -7.77
C PRO B 339 1.94 9.67 -6.42
N TYR B 340 2.69 9.33 -5.38
CA TYR B 340 2.15 9.28 -4.03
C TYR B 340 3.29 9.38 -3.03
#